data_7OWM
#
_entry.id   7OWM
#
_cell.length_a   79.879
_cell.length_b   178.380
_cell.length_c   58.255
_cell.angle_alpha   90.000
_cell.angle_beta   90.000
_cell.angle_gamma   90.000
#
_symmetry.space_group_name_H-M   'P 21 21 2'
#
loop_
_entity.id
_entity.type
_entity.pdbx_description
1 polymer 'Glycylpeptide N-tetradecanoyltransferase 1'
2 polymer 'Neuron-specific calcium-binding protein hippocalcin'
3 non-polymer GLYCEROL
4 non-polymer TETRADECANOYL-COA
5 water water
#
loop_
_entity_poly.entity_id
_entity_poly.type
_entity_poly.pdbx_seq_one_letter_code
_entity_poly.pdbx_strand_id
1 'polypeptide(L)'
;GGSEFSVGQGPAKTMEEASKRSYQFWDTQPVPKLGEVVNTHGPVEPDKDNIRQEPYTLPQGFTWDALDLGDRGVLKELYT
LLNENYVEDDDNMFRFDYSPEFLLWALRPPGWLPQWHCGVRVVSSRKLVGFISAIPANIHIYDTEKKMVEINFLCVHKKL
RSKRVAPVLIREITRRVHLEGIFQAVYTAGVVLPKPVGTCRYWHRSLNPRKLIEVKFSHLSRNMTMQRTMKLYRLPETPK
TAGLRPMETKDIPVVHQLLTRYLKQFHLTPVMSQEEVEHWFYPQENIIDTFVVENANGEVTDFLSFYTLPSTIMNHPTHK
SLKAAYSFYNVHTQTPLLDLMSDALVLAKMKGFDVFNALDLMENKTFLEKLKFGIGDGNLQYYLYNWKCPSMGAEKVGLV
LQ
;
A,B
2 'polypeptide(L)' GKQNSKLR C
#
# COMPACT_ATOMS: atom_id res chain seq x y z
N PRO A 11 -31.72 -12.80 5.32
CA PRO A 11 -30.94 -12.70 4.09
C PRO A 11 -31.68 -13.25 2.88
N ALA A 12 -31.35 -12.75 1.70
CA ALA A 12 -31.93 -13.23 0.44
C ALA A 12 -30.83 -13.87 -0.41
N LYS A 13 -31.10 -15.06 -0.92
CA LYS A 13 -30.14 -15.73 -1.79
C LYS A 13 -30.53 -15.72 -3.26
N THR A 14 -31.72 -15.20 -3.57
CA THR A 14 -32.15 -14.98 -4.94
C THR A 14 -32.52 -13.51 -5.12
N MET A 15 -32.41 -13.03 -6.35
CA MET A 15 -32.82 -11.66 -6.65
C MET A 15 -34.31 -11.46 -6.43
N GLU A 16 -35.11 -12.51 -6.66
CA GLU A 16 -36.55 -12.42 -6.41
C GLU A 16 -36.84 -12.09 -4.95
N GLU A 17 -36.24 -12.84 -4.02
CA GLU A 17 -36.44 -12.55 -2.61
C GLU A 17 -35.88 -11.18 -2.23
N ALA A 18 -34.79 -10.76 -2.88
CA ALA A 18 -34.15 -9.49 -2.56
C ALA A 18 -34.97 -8.29 -3.03
N SER A 19 -35.82 -8.47 -4.05
CA SER A 19 -36.63 -7.36 -4.54
C SER A 19 -37.66 -6.94 -3.50
N LYS A 20 -38.22 -7.90 -2.78
CA LYS A 20 -39.22 -7.63 -1.74
C LYS A 20 -38.59 -7.18 -0.43
N ARG A 21 -37.28 -7.26 -0.30
CA ARG A 21 -36.59 -6.97 0.96
C ARG A 21 -36.38 -5.48 1.15
N SER A 22 -36.18 -5.08 2.40
CA SER A 22 -35.74 -3.73 2.74
C SER A 22 -34.37 -3.83 3.38
N TYR A 23 -33.49 -2.89 3.03
CA TYR A 23 -32.09 -2.95 3.47
C TYR A 23 -31.83 -1.77 4.41
N GLN A 24 -32.20 -1.96 5.68
CA GLN A 24 -32.06 -0.91 6.68
C GLN A 24 -30.61 -0.47 6.83
N PHE A 25 -29.66 -1.40 6.71
CA PHE A 25 -28.26 -1.01 6.78
C PHE A 25 -27.71 -0.59 5.42
N TRP A 26 -27.92 -1.40 4.39
CA TRP A 26 -27.25 -1.11 3.12
C TRP A 26 -27.81 0.14 2.43
N ASP A 27 -29.04 0.53 2.76
CA ASP A 27 -29.56 1.80 2.23
C ASP A 27 -28.77 3.00 2.73
N THR A 28 -28.05 2.87 3.85
CA THR A 28 -27.24 3.96 4.38
C THR A 28 -25.84 4.02 3.77
N GLN A 29 -25.48 3.05 2.98
CA GLN A 29 -24.11 2.87 2.52
C GLN A 29 -23.94 3.37 1.09
N PRO A 30 -22.72 3.77 0.70
CA PRO A 30 -22.48 4.29 -0.66
C PRO A 30 -22.37 3.17 -1.68
N VAL A 31 -23.50 2.51 -1.94
CA VAL A 31 -23.61 1.49 -2.97
C VAL A 31 -24.89 1.77 -3.76
N PRO A 32 -24.95 1.40 -5.05
CA PRO A 32 -26.17 1.65 -5.82
C PRO A 32 -27.34 0.83 -5.29
N LYS A 33 -28.55 1.32 -5.54
CA LYS A 33 -29.74 0.60 -5.11
C LYS A 33 -29.98 -0.60 -6.01
N LEU A 34 -30.57 -1.65 -5.43
CA LEU A 34 -30.82 -2.88 -6.18
C LEU A 34 -31.69 -2.63 -7.40
N GLY A 35 -32.63 -1.70 -7.31
CA GLY A 35 -33.57 -1.51 -8.41
C GLY A 35 -32.92 -0.87 -9.64
N GLU A 36 -32.15 0.19 -9.43
CA GLU A 36 -31.72 1.03 -10.54
C GLU A 36 -30.66 0.34 -11.41
N VAL A 37 -30.60 0.75 -12.67
CA VAL A 37 -29.54 0.37 -13.59
C VAL A 37 -28.49 1.47 -13.57
N VAL A 38 -27.22 1.09 -13.67
CA VAL A 38 -26.09 2.01 -13.54
C VAL A 38 -25.50 2.24 -14.92
N ASN A 39 -25.44 3.51 -15.34
CA ASN A 39 -24.82 3.88 -16.61
C ASN A 39 -23.61 4.78 -16.42
N THR A 40 -23.19 5.02 -15.18
CA THR A 40 -22.04 5.86 -14.88
C THR A 40 -20.84 4.99 -14.52
N HIS A 41 -19.67 5.64 -14.44
CA HIS A 41 -18.44 5.03 -13.92
C HIS A 41 -17.82 6.00 -12.92
N GLY A 42 -17.72 5.60 -11.65
CA GLY A 42 -17.02 6.41 -10.67
C GLY A 42 -17.51 6.23 -9.24
N PRO A 43 -16.92 7.00 -8.32
CA PRO A 43 -17.28 6.84 -6.90
C PRO A 43 -18.70 7.25 -6.63
N VAL A 44 -19.34 6.53 -5.70
CA VAL A 44 -20.69 6.91 -5.29
C VAL A 44 -20.67 8.23 -4.53
N GLU A 45 -19.66 8.44 -3.70
CA GLU A 45 -19.49 9.67 -2.95
C GLU A 45 -18.01 10.06 -2.95
N PRO A 46 -17.69 11.33 -2.78
CA PRO A 46 -16.28 11.76 -2.80
C PRO A 46 -15.54 11.25 -1.58
N ASP A 47 -14.21 11.21 -1.71
CA ASP A 47 -13.38 10.78 -0.58
C ASP A 47 -13.60 11.72 0.60
N LYS A 48 -13.62 11.14 1.79
CA LYS A 48 -13.72 11.92 3.01
C LYS A 48 -12.35 12.45 3.40
N ASP A 49 -12.30 13.71 3.85
CA ASP A 49 -11.04 14.30 4.27
C ASP A 49 -10.94 14.50 5.77
N ASN A 50 -11.92 14.02 6.55
CA ASN A 50 -11.76 13.87 7.98
C ASN A 50 -12.48 12.58 8.37
N ILE A 51 -11.80 11.73 9.13
CA ILE A 51 -12.28 10.40 9.45
C ILE A 51 -12.48 10.29 10.94
N ARG A 52 -13.61 9.68 11.33
CA ARG A 52 -13.92 9.39 12.73
C ARG A 52 -12.75 8.69 13.43
N GLN A 53 -12.29 9.28 14.54
CA GLN A 53 -11.11 8.73 15.22
C GLN A 53 -11.46 7.61 16.18
N GLU A 54 -12.70 7.55 16.65
CA GLU A 54 -13.02 6.58 17.68
C GLU A 54 -13.70 5.35 17.08
N PRO A 55 -13.41 4.17 17.61
CA PRO A 55 -14.12 2.97 17.16
C PRO A 55 -15.63 3.10 17.38
N TYR A 56 -16.39 2.46 16.50
CA TYR A 56 -17.82 2.38 16.72
C TYR A 56 -18.13 1.56 17.97
N THR A 57 -19.26 1.88 18.59
CA THR A 57 -19.66 1.25 19.85
C THR A 57 -20.24 -0.13 19.60
N LEU A 58 -19.76 -1.12 20.38
CA LEU A 58 -20.30 -2.47 20.41
C LEU A 58 -21.35 -2.58 21.50
N PRO A 59 -22.22 -3.59 21.41
CA PRO A 59 -23.15 -3.85 22.53
C PRO A 59 -22.37 -4.07 23.82
N GLN A 60 -22.99 -3.68 24.93
CA GLN A 60 -22.33 -3.76 26.22
C GLN A 60 -21.84 -5.20 26.47
N GLY A 61 -20.62 -5.33 26.99
CA GLY A 61 -20.05 -6.62 27.28
C GLY A 61 -19.12 -7.17 26.20
N PHE A 62 -18.94 -6.44 25.11
CA PHE A 62 -18.08 -6.87 24.03
C PHE A 62 -17.07 -5.77 23.75
N THR A 63 -15.92 -6.16 23.22
CA THR A 63 -14.83 -5.23 22.99
C THR A 63 -14.11 -5.57 21.69
N TRP A 64 -13.55 -4.54 21.07
CA TRP A 64 -12.67 -4.73 19.91
C TRP A 64 -11.33 -5.30 20.34
N ASP A 65 -10.77 -6.15 19.49
CA ASP A 65 -9.40 -6.64 19.69
C ASP A 65 -8.83 -6.96 18.33
N ALA A 66 -7.75 -6.27 17.96
CA ALA A 66 -7.03 -6.60 16.74
C ALA A 66 -6.25 -7.90 16.96
N LEU A 67 -6.36 -8.83 16.03
CA LEU A 67 -5.81 -10.16 16.22
C LEU A 67 -4.43 -10.25 15.59
N ASP A 68 -3.43 -10.55 16.42
CA ASP A 68 -2.07 -10.82 15.96
C ASP A 68 -2.03 -12.27 15.51
N LEU A 69 -2.18 -12.48 14.20
CA LEU A 69 -2.19 -13.84 13.66
C LEU A 69 -0.81 -14.48 13.71
N GLY A 70 0.25 -13.71 13.97
CA GLY A 70 1.55 -14.28 14.25
C GLY A 70 1.63 -14.97 15.60
N ASP A 71 0.67 -14.73 16.48
CA ASP A 71 0.57 -15.47 17.74
C ASP A 71 -0.21 -16.76 17.48
N ARG A 72 0.44 -17.91 17.63
CA ARG A 72 -0.20 -19.17 17.25
C ARG A 72 -1.49 -19.41 18.02
N GLY A 73 -1.52 -18.99 19.29
CA GLY A 73 -2.73 -19.18 20.08
C GLY A 73 -3.90 -18.34 19.58
N VAL A 74 -3.63 -17.10 19.19
CA VAL A 74 -4.67 -16.23 18.65
C VAL A 74 -5.11 -16.71 17.27
N LEU A 75 -4.17 -17.15 16.43
CA LEU A 75 -4.55 -17.72 15.15
C LEU A 75 -5.47 -18.93 15.34
N LYS A 76 -5.21 -19.74 16.38
CA LYS A 76 -6.05 -20.89 16.62
C LYS A 76 -7.45 -20.47 17.08
N GLU A 77 -7.54 -19.38 17.86
CA GLU A 77 -8.85 -18.84 18.23
C GLU A 77 -9.65 -18.45 17.00
N LEU A 78 -9.00 -17.76 16.05
CA LEU A 78 -9.69 -17.41 14.81
C LEU A 78 -10.08 -18.67 14.04
N TYR A 79 -9.15 -19.63 13.93
CA TYR A 79 -9.48 -20.90 13.30
C TYR A 79 -10.77 -21.48 13.88
N THR A 80 -10.88 -21.47 15.21
CA THR A 80 -12.02 -22.10 15.86
C THR A 80 -13.30 -21.30 15.65
N LEU A 81 -13.23 -19.97 15.74
CA LEU A 81 -14.40 -19.14 15.43
C LEU A 81 -14.95 -19.47 14.05
N LEU A 82 -14.07 -19.53 13.05
CA LEU A 82 -14.55 -19.76 11.70
C LEU A 82 -14.99 -21.20 11.51
N ASN A 83 -14.22 -22.15 12.07
CA ASN A 83 -14.58 -23.55 11.95
C ASN A 83 -15.98 -23.83 12.49
N GLU A 84 -16.38 -23.11 13.54
CA GLU A 84 -17.66 -23.37 14.18
C GLU A 84 -18.77 -22.44 13.69
N ASN A 85 -18.43 -21.30 13.08
CA ASN A 85 -19.46 -20.29 12.83
C ASN A 85 -19.42 -19.66 11.45
N TYR A 86 -18.59 -20.13 10.53
CA TYR A 86 -18.46 -19.45 9.24
C TYR A 86 -19.44 -20.06 8.25
N VAL A 87 -19.20 -19.87 6.95
CA VAL A 87 -20.23 -20.06 5.94
C VAL A 87 -20.62 -21.53 5.80
N GLU A 88 -21.93 -21.79 5.80
CA GLU A 88 -22.48 -23.10 5.54
C GLU A 88 -23.24 -23.07 4.21
N ASP A 89 -23.45 -24.26 3.65
CA ASP A 89 -24.28 -24.35 2.45
C ASP A 89 -25.75 -24.08 2.80
N ASP A 90 -26.59 -24.07 1.76
CA ASP A 90 -28.01 -23.77 1.92
C ASP A 90 -28.69 -24.73 2.90
N ASP A 91 -28.25 -25.99 2.95
CA ASP A 91 -28.94 -27.01 3.73
C ASP A 91 -28.32 -27.23 5.10
N ASN A 92 -27.30 -26.46 5.48
CA ASN A 92 -26.63 -26.61 6.78
C ASN A 92 -26.03 -28.01 6.91
N MET A 93 -25.36 -28.46 5.86
CA MET A 93 -24.70 -29.76 5.83
C MET A 93 -23.20 -29.66 5.79
N PHE A 94 -22.66 -28.57 5.27
CA PHE A 94 -21.22 -28.39 5.11
C PHE A 94 -20.85 -27.00 5.59
N ARG A 95 -19.69 -26.87 6.22
CA ARG A 95 -19.20 -25.58 6.68
C ARG A 95 -17.74 -25.45 6.31
N PHE A 96 -17.34 -24.27 5.81
CA PHE A 96 -15.94 -24.06 5.48
C PHE A 96 -15.06 -24.35 6.69
N ASP A 97 -13.88 -24.94 6.43
CA ASP A 97 -12.90 -25.29 7.46
C ASP A 97 -11.51 -24.79 7.04
N TYR A 98 -11.39 -23.46 6.92
CA TYR A 98 -10.11 -22.84 6.61
C TYR A 98 -9.06 -23.23 7.65
N SER A 99 -7.90 -23.70 7.18
CA SER A 99 -6.87 -24.11 8.12
C SER A 99 -6.13 -22.89 8.65
N PRO A 100 -5.44 -23.04 9.78
CA PRO A 100 -4.66 -21.90 10.31
C PRO A 100 -3.62 -21.40 9.33
N GLU A 101 -2.92 -22.31 8.65
CA GLU A 101 -1.89 -21.91 7.70
C GLU A 101 -2.49 -21.23 6.48
N PHE A 102 -3.66 -21.68 6.04
CA PHE A 102 -4.37 -21.01 4.96
C PHE A 102 -4.76 -19.60 5.38
N LEU A 103 -5.29 -19.45 6.61
CA LEU A 103 -5.67 -18.13 7.08
C LEU A 103 -4.48 -17.18 7.08
N LEU A 104 -3.29 -17.67 7.45
CA LEU A 104 -2.09 -16.84 7.37
C LEU A 104 -1.80 -16.40 5.93
N TRP A 105 -1.95 -17.32 4.98
CA TRP A 105 -1.76 -17.01 3.57
C TRP A 105 -2.75 -15.95 3.11
N ALA A 106 -4.04 -16.14 3.48
CA ALA A 106 -5.09 -15.24 3.01
C ALA A 106 -5.02 -13.88 3.68
N LEU A 107 -4.57 -13.83 4.93
CA LEU A 107 -4.68 -12.60 5.71
C LEU A 107 -3.38 -11.83 5.89
N ARG A 108 -2.22 -12.40 5.56
CA ARG A 108 -0.97 -11.65 5.58
C ARG A 108 -0.29 -11.60 4.20
N PRO A 109 -0.98 -11.15 3.15
CA PRO A 109 -0.30 -10.91 1.88
C PRO A 109 0.51 -9.62 1.97
N PRO A 110 1.30 -9.29 0.94
CA PRO A 110 2.03 -8.02 0.98
C PRO A 110 1.10 -6.84 1.26
N GLY A 111 1.52 -5.99 2.20
CA GLY A 111 0.74 -4.83 2.56
C GLY A 111 -0.27 -5.03 3.67
N TRP A 112 -0.36 -6.23 4.25
CA TRP A 112 -1.33 -6.47 5.30
C TRP A 112 -1.06 -5.55 6.49
N LEU A 113 -2.14 -5.18 7.18
CA LEU A 113 -2.04 -4.30 8.33
C LEU A 113 -2.71 -4.94 9.54
N PRO A 114 -2.12 -4.82 10.72
CA PRO A 114 -2.68 -5.48 11.91
C PRO A 114 -4.06 -4.96 12.31
N GLN A 115 -4.31 -3.67 12.14
CA GLN A 115 -5.61 -3.13 12.52
C GLN A 115 -6.73 -3.61 11.60
N TRP A 116 -6.38 -4.23 10.46
CA TRP A 116 -7.37 -4.76 9.54
C TRP A 116 -7.71 -6.21 9.82
N HIS A 117 -7.20 -6.78 10.92
CA HIS A 117 -7.61 -8.10 11.40
C HIS A 117 -8.48 -7.84 12.63
N CYS A 118 -9.76 -7.57 12.38
CA CYS A 118 -10.62 -6.87 13.31
C CYS A 118 -11.50 -7.87 14.08
N GLY A 119 -11.11 -8.17 15.33
CA GLY A 119 -11.84 -9.12 16.14
C GLY A 119 -12.75 -8.47 17.17
N VAL A 120 -13.72 -9.25 17.66
CA VAL A 120 -14.62 -8.87 18.74
C VAL A 120 -14.57 -9.96 19.80
N ARG A 121 -14.33 -9.56 21.05
CA ARG A 121 -14.26 -10.50 22.15
C ARG A 121 -15.31 -10.18 23.22
N VAL A 122 -15.73 -11.22 23.94
CA VAL A 122 -16.51 -11.02 25.16
C VAL A 122 -15.58 -10.47 26.23
N VAL A 123 -16.01 -9.40 26.91
CA VAL A 123 -15.13 -8.75 27.88
C VAL A 123 -14.77 -9.71 29.01
N SER A 124 -15.78 -10.39 29.56
CA SER A 124 -15.54 -11.22 30.74
C SER A 124 -14.69 -12.44 30.42
N SER A 125 -15.08 -13.24 29.42
CA SER A 125 -14.42 -14.50 29.14
C SER A 125 -13.27 -14.39 28.16
N ARG A 126 -13.18 -13.29 27.42
CA ARG A 126 -12.23 -13.07 26.31
C ARG A 126 -12.52 -13.93 25.10
N LYS A 127 -13.67 -14.61 25.05
CA LYS A 127 -13.98 -15.48 23.93
C LYS A 127 -14.10 -14.67 22.64
N LEU A 128 -13.47 -15.16 21.57
CA LEU A 128 -13.60 -14.51 20.28
C LEU A 128 -14.95 -14.85 19.67
N VAL A 129 -15.75 -13.82 19.37
CA VAL A 129 -17.13 -14.02 18.90
C VAL A 129 -17.44 -13.26 17.61
N GLY A 130 -16.48 -12.50 17.07
CA GLY A 130 -16.71 -11.78 15.83
C GLY A 130 -15.41 -11.45 15.14
N PHE A 131 -15.50 -11.29 13.81
CA PHE A 131 -14.31 -10.99 13.02
C PHE A 131 -14.73 -10.40 11.68
N ILE A 132 -13.84 -9.55 11.15
CA ILE A 132 -13.90 -9.09 9.76
C ILE A 132 -12.49 -8.70 9.40
N SER A 133 -12.15 -8.79 8.11
CA SER A 133 -10.79 -8.49 7.67
C SER A 133 -10.79 -7.67 6.39
N ALA A 134 -9.71 -6.93 6.21
CA ALA A 134 -9.37 -6.22 4.98
C ALA A 134 -7.93 -6.54 4.62
N ILE A 135 -7.66 -6.75 3.33
CA ILE A 135 -6.29 -6.79 2.80
C ILE A 135 -6.24 -5.82 1.63
N PRO A 136 -5.10 -5.17 1.37
CA PRO A 136 -5.03 -4.23 0.25
C PRO A 136 -4.92 -4.93 -1.08
N ALA A 137 -5.46 -4.29 -2.12
CA ALA A 137 -5.37 -4.86 -3.46
C ALA A 137 -5.56 -3.75 -4.47
N ASN A 138 -4.76 -3.75 -5.53
CA ASN A 138 -5.00 -2.87 -6.66
C ASN A 138 -5.95 -3.57 -7.61
N ILE A 139 -7.03 -2.89 -7.97
CA ILE A 139 -8.13 -3.49 -8.70
C ILE A 139 -8.34 -2.72 -9.99
N HIS A 140 -8.41 -3.44 -11.09
CA HIS A 140 -8.75 -2.86 -12.39
C HIS A 140 -10.23 -3.13 -12.63
N ILE A 141 -11.02 -2.07 -12.76
CA ILE A 141 -12.45 -2.18 -13.03
C ILE A 141 -12.73 -1.33 -14.26
N TYR A 142 -13.18 -1.98 -15.35
CA TYR A 142 -13.27 -1.39 -16.68
C TYR A 142 -12.00 -0.60 -17.01
N ASP A 143 -12.10 0.72 -17.17
CA ASP A 143 -10.95 1.51 -17.58
C ASP A 143 -10.26 2.22 -16.41
N THR A 144 -10.52 1.79 -15.18
CA THR A 144 -9.95 2.45 -14.01
C THR A 144 -9.16 1.44 -13.18
N GLU A 145 -7.98 1.86 -12.73
CA GLU A 145 -7.22 1.14 -11.70
C GLU A 145 -7.33 1.92 -10.40
N LYS A 146 -7.73 1.23 -9.33
CA LYS A 146 -7.94 1.84 -8.02
C LYS A 146 -7.29 0.98 -6.95
N LYS A 147 -6.58 1.63 -6.02
CA LYS A 147 -6.21 0.96 -4.78
C LYS A 147 -7.47 0.74 -3.95
N MET A 148 -7.73 -0.51 -3.58
CA MET A 148 -8.90 -0.90 -2.83
C MET A 148 -8.46 -1.82 -1.68
N VAL A 149 -9.45 -2.28 -0.91
CA VAL A 149 -9.28 -3.45 -0.04
C VAL A 149 -10.24 -4.53 -0.49
N GLU A 150 -9.86 -5.77 -0.20
CA GLU A 150 -10.74 -6.93 -0.28
C GLU A 150 -11.21 -7.25 1.14
N ILE A 151 -12.54 -7.30 1.33
CA ILE A 151 -13.15 -7.62 2.62
C ILE A 151 -13.50 -9.11 2.62
N ASN A 152 -13.13 -9.79 3.70
CA ASN A 152 -13.35 -11.23 3.77
C ASN A 152 -13.49 -11.64 5.23
N PHE A 153 -14.03 -12.85 5.43
CA PHE A 153 -14.10 -13.49 6.74
C PHE A 153 -14.96 -12.73 7.74
N LEU A 154 -16.00 -12.03 7.25
CA LEU A 154 -17.02 -11.52 8.16
C LEU A 154 -17.72 -12.68 8.85
N CYS A 155 -17.68 -12.69 10.17
CA CYS A 155 -18.22 -13.81 10.92
C CYS A 155 -18.69 -13.34 12.29
N VAL A 156 -19.91 -13.71 12.65
CA VAL A 156 -20.49 -13.46 13.96
C VAL A 156 -20.86 -14.80 14.56
N HIS A 157 -20.47 -15.02 15.81
CA HIS A 157 -20.80 -16.26 16.50
C HIS A 157 -22.30 -16.53 16.41
N LYS A 158 -22.64 -17.81 16.24
CA LYS A 158 -24.04 -18.19 16.09
C LYS A 158 -24.88 -17.67 17.25
N LYS A 159 -24.31 -17.60 18.45
CA LYS A 159 -25.10 -17.13 19.59
C LYS A 159 -25.29 -15.61 19.59
N LEU A 160 -24.56 -14.87 18.75
CA LEU A 160 -24.71 -13.43 18.62
C LEU A 160 -25.48 -13.01 17.38
N ARG A 161 -26.01 -13.97 16.62
CA ARG A 161 -26.65 -13.65 15.34
C ARG A 161 -27.90 -12.81 15.55
N SER A 162 -28.25 -12.04 14.52
CA SER A 162 -29.50 -11.29 14.42
C SER A 162 -29.60 -10.20 15.48
N LYS A 163 -28.45 -9.73 15.97
CA LYS A 163 -28.38 -8.61 16.90
C LYS A 163 -27.69 -7.39 16.27
N ARG A 164 -27.58 -7.39 14.95
CA ARG A 164 -27.02 -6.30 14.16
C ARG A 164 -25.59 -5.96 14.58
N VAL A 165 -24.83 -7.00 14.90
CA VAL A 165 -23.39 -6.86 15.09
C VAL A 165 -22.67 -6.74 13.76
N ALA A 166 -23.17 -7.39 12.70
CA ALA A 166 -22.49 -7.29 11.41
C ALA A 166 -22.41 -5.87 10.88
N PRO A 167 -23.47 -5.02 10.95
CA PRO A 167 -23.29 -3.62 10.54
C PRO A 167 -22.20 -2.89 11.30
N VAL A 168 -22.02 -3.19 12.60
CA VAL A 168 -20.96 -2.55 13.36
C VAL A 168 -19.59 -3.00 12.85
N LEU A 169 -19.45 -4.31 12.60
CA LEU A 169 -18.19 -4.80 12.04
C LEU A 169 -17.88 -4.13 10.71
N ILE A 170 -18.90 -3.97 9.84
CA ILE A 170 -18.67 -3.39 8.53
C ILE A 170 -18.28 -1.92 8.65
N ARG A 171 -18.99 -1.18 9.50
CA ARG A 171 -18.68 0.24 9.69
C ARG A 171 -17.30 0.43 10.30
N GLU A 172 -16.91 -0.47 11.21
CA GLU A 172 -15.61 -0.33 11.84
C GLU A 172 -14.47 -0.66 10.88
N ILE A 173 -14.58 -1.73 10.08
CA ILE A 173 -13.52 -1.97 9.10
C ILE A 173 -13.50 -0.85 8.07
N THR A 174 -14.67 -0.31 7.71
CA THR A 174 -14.70 0.83 6.79
C THR A 174 -13.92 2.01 7.35
N ARG A 175 -14.18 2.34 8.62
CA ARG A 175 -13.47 3.43 9.28
C ARG A 175 -11.96 3.17 9.27
N ARG A 176 -11.55 1.95 9.61
CA ARG A 176 -10.11 1.66 9.68
C ARG A 176 -9.46 1.69 8.32
N VAL A 177 -10.19 1.36 7.25
CA VAL A 177 -9.65 1.47 5.90
C VAL A 177 -9.61 2.94 5.46
N HIS A 178 -10.65 3.71 5.79
CA HIS A 178 -10.65 5.15 5.53
C HIS A 178 -9.43 5.82 6.12
N LEU A 179 -9.03 5.43 7.33
CA LEU A 179 -7.88 6.05 7.99
C LEU A 179 -6.61 5.90 7.17
N GLU A 180 -6.51 4.84 6.37
CA GLU A 180 -5.35 4.59 5.53
C GLU A 180 -5.50 5.17 4.14
N GLY A 181 -6.57 5.94 3.90
CA GLY A 181 -6.71 6.67 2.64
C GLY A 181 -7.32 5.88 1.51
N ILE A 182 -8.00 4.78 1.83
CA ILE A 182 -8.63 3.92 0.82
C ILE A 182 -10.14 4.06 0.94
N PHE A 183 -10.82 4.19 -0.20
CA PHE A 183 -12.24 4.53 -0.20
C PHE A 183 -13.09 3.62 -1.06
N GLN A 184 -12.51 2.56 -1.62
CA GLN A 184 -13.26 1.56 -2.37
C GLN A 184 -12.89 0.18 -1.86
N ALA A 185 -13.80 -0.76 -2.03
CA ALA A 185 -13.56 -2.14 -1.61
C ALA A 185 -14.23 -3.10 -2.58
N VAL A 186 -13.74 -4.33 -2.60
CA VAL A 186 -14.35 -5.40 -3.37
C VAL A 186 -14.55 -6.59 -2.43
N TYR A 187 -15.63 -7.34 -2.67
CA TYR A 187 -15.94 -8.50 -1.83
C TYR A 187 -16.95 -9.35 -2.56
N THR A 188 -17.06 -10.61 -2.13
CA THR A 188 -18.09 -11.52 -2.62
C THR A 188 -19.00 -11.93 -1.47
N ALA A 189 -20.18 -12.44 -1.83
CA ALA A 189 -21.10 -13.01 -0.86
C ALA A 189 -22.04 -13.96 -1.57
N GLY A 190 -22.54 -14.95 -0.82
CA GLY A 190 -23.60 -15.80 -1.32
C GLY A 190 -24.98 -15.20 -1.20
N VAL A 191 -25.10 -14.07 -0.51
CA VAL A 191 -26.38 -13.39 -0.37
C VAL A 191 -26.44 -12.22 -1.34
N VAL A 192 -27.66 -11.84 -1.69
CA VAL A 192 -27.90 -10.72 -2.57
C VAL A 192 -28.00 -9.44 -1.74
N LEU A 193 -27.15 -8.48 -2.04
CA LEU A 193 -27.10 -7.17 -1.40
C LEU A 193 -27.09 -6.12 -2.48
N PRO A 194 -27.39 -4.86 -2.13
CA PRO A 194 -27.14 -3.78 -3.10
C PRO A 194 -25.63 -3.57 -3.24
N LYS A 195 -25.10 -3.70 -4.47
CA LYS A 195 -25.74 -4.20 -5.68
C LYS A 195 -24.67 -4.98 -6.44
N PRO A 196 -24.97 -6.21 -6.87
CA PRO A 196 -23.95 -7.04 -7.52
C PRO A 196 -23.41 -6.39 -8.79
N VAL A 197 -22.07 -6.36 -8.90
CA VAL A 197 -21.44 -5.98 -10.16
C VAL A 197 -21.36 -7.17 -11.10
N GLY A 198 -21.43 -8.39 -10.57
CA GLY A 198 -21.47 -9.59 -11.37
C GLY A 198 -21.97 -10.74 -10.53
N THR A 199 -22.62 -11.70 -11.18
CA THR A 199 -23.16 -12.88 -10.51
C THR A 199 -22.55 -14.12 -11.12
N CYS A 200 -21.85 -14.90 -10.30
CA CYS A 200 -21.19 -16.12 -10.71
C CYS A 200 -21.85 -17.32 -10.05
N ARG A 201 -21.50 -18.50 -10.53
CA ARG A 201 -22.06 -19.74 -10.00
C ARG A 201 -20.96 -20.77 -9.89
N TYR A 202 -20.92 -21.46 -8.75
CA TYR A 202 -20.00 -22.57 -8.57
C TYR A 202 -20.48 -23.80 -9.32
N TRP A 203 -19.54 -24.48 -9.96
CA TRP A 203 -19.73 -25.82 -10.49
C TRP A 203 -18.78 -26.75 -9.76
N HIS A 204 -19.13 -28.05 -9.75
CA HIS A 204 -18.38 -29.05 -8.99
C HIS A 204 -18.02 -30.21 -9.89
N ARG A 205 -16.77 -30.65 -9.81
CA ARG A 205 -16.29 -31.82 -10.55
C ARG A 205 -15.99 -32.92 -9.55
N SER A 206 -16.79 -33.98 -9.56
N SER A 206 -16.80 -33.97 -9.56
CA SER A 206 -16.62 -35.08 -8.63
CA SER A 206 -16.61 -35.07 -8.61
C SER A 206 -15.30 -35.81 -8.88
C SER A 206 -15.30 -35.79 -8.88
N LEU A 207 -14.51 -35.99 -7.83
CA LEU A 207 -13.31 -36.80 -7.90
C LEU A 207 -13.43 -38.09 -7.12
N ASN A 208 -14.24 -38.09 -6.07
CA ASN A 208 -14.50 -39.26 -5.22
C ASN A 208 -16.00 -39.42 -5.14
N PRO A 209 -16.64 -39.97 -6.18
CA PRO A 209 -18.11 -39.97 -6.22
C PRO A 209 -18.74 -40.75 -5.07
N ARG A 210 -18.11 -41.85 -4.63
CA ARG A 210 -18.69 -42.67 -3.58
C ARG A 210 -18.84 -41.87 -2.29
N LYS A 211 -17.78 -41.17 -1.88
CA LYS A 211 -17.85 -40.34 -0.69
C LYS A 211 -18.82 -39.18 -0.87
N LEU A 212 -18.79 -38.53 -2.04
CA LEU A 212 -19.68 -37.39 -2.26
C LEU A 212 -21.14 -37.80 -2.18
N ILE A 213 -21.48 -38.98 -2.70
CA ILE A 213 -22.86 -39.45 -2.66
C ILE A 213 -23.22 -39.89 -1.25
N GLU A 214 -22.29 -40.54 -0.55
CA GLU A 214 -22.56 -40.97 0.82
C GLU A 214 -22.89 -39.79 1.72
N VAL A 215 -22.20 -38.67 1.57
CA VAL A 215 -22.38 -37.55 2.49
C VAL A 215 -23.44 -36.60 1.95
N LYS A 216 -24.06 -36.97 0.82
CA LYS A 216 -25.13 -36.18 0.20
C LYS A 216 -24.62 -34.81 -0.27
N PHE A 217 -23.33 -34.71 -0.58
CA PHE A 217 -22.87 -33.55 -1.34
C PHE A 217 -23.40 -33.61 -2.76
N SER A 218 -23.43 -34.80 -3.34
CA SER A 218 -24.02 -35.06 -4.64
C SER A 218 -25.05 -36.16 -4.50
N HIS A 219 -25.89 -36.31 -5.51
CA HIS A 219 -26.88 -37.37 -5.54
C HIS A 219 -26.58 -38.32 -6.69
N LEU A 220 -26.96 -39.58 -6.51
CA LEU A 220 -26.91 -40.56 -7.58
C LEU A 220 -28.08 -40.31 -8.52
N SER A 221 -27.78 -39.98 -9.78
CA SER A 221 -28.82 -39.76 -10.77
C SER A 221 -29.72 -40.99 -10.85
N ARG A 222 -31.04 -40.75 -10.84
CA ARG A 222 -32.01 -41.85 -10.85
C ARG A 222 -31.79 -42.78 -12.03
N ASN A 223 -31.27 -42.26 -13.14
CA ASN A 223 -31.02 -43.05 -14.34
C ASN A 223 -29.63 -43.67 -14.37
N MET A 224 -28.82 -43.51 -13.32
CA MET A 224 -27.45 -44.01 -13.29
C MET A 224 -27.21 -44.85 -12.04
N THR A 225 -26.38 -45.88 -12.18
CA THR A 225 -25.96 -46.68 -11.04
C THR A 225 -24.63 -46.18 -10.50
N MET A 226 -24.32 -46.61 -9.27
CA MET A 226 -23.06 -46.22 -8.63
C MET A 226 -21.87 -46.67 -9.45
N GLN A 227 -21.87 -47.94 -9.88
CA GLN A 227 -20.75 -48.46 -10.67
C GLN A 227 -20.55 -47.64 -11.94
N ARG A 228 -21.64 -47.25 -12.59
CA ARG A 228 -21.53 -46.41 -13.79
C ARG A 228 -21.05 -45.01 -13.44
N THR A 229 -21.56 -44.46 -12.34
CA THR A 229 -21.15 -43.12 -11.90
C THR A 229 -19.65 -43.06 -11.63
N MET A 230 -19.09 -44.12 -11.04
CA MET A 230 -17.67 -44.14 -10.77
C MET A 230 -16.85 -44.25 -12.06
N LYS A 231 -17.37 -44.95 -13.07
CA LYS A 231 -16.68 -45.00 -14.35
C LYS A 231 -16.77 -43.67 -15.08
N LEU A 232 -17.92 -42.99 -14.96
CA LEU A 232 -18.11 -41.69 -15.61
C LEU A 232 -17.04 -40.70 -15.19
N TYR A 233 -16.65 -40.73 -13.91
CA TYR A 233 -15.76 -39.72 -13.35
C TYR A 233 -14.32 -40.17 -13.21
N ARG A 234 -14.00 -41.40 -13.64
CA ARG A 234 -12.63 -41.88 -13.56
C ARG A 234 -11.70 -41.02 -14.43
N LEU A 235 -10.50 -40.80 -13.92
CA LEU A 235 -9.51 -39.91 -14.53
C LEU A 235 -8.22 -40.66 -14.80
N PRO A 236 -7.41 -40.18 -15.74
CA PRO A 236 -6.06 -40.73 -15.92
C PRO A 236 -5.26 -40.65 -14.62
N GLU A 237 -4.24 -41.50 -14.52
CA GLU A 237 -3.41 -41.52 -13.33
C GLU A 237 -2.41 -40.36 -13.30
N THR A 238 -1.99 -39.87 -14.46
CA THR A 238 -1.00 -38.82 -14.54
C THR A 238 -1.43 -37.77 -15.56
N PRO A 239 -0.96 -36.54 -15.42
CA PRO A 239 -1.33 -35.49 -16.37
C PRO A 239 -0.71 -35.73 -17.74
N LYS A 240 -1.30 -35.11 -18.76
CA LYS A 240 -0.84 -35.35 -20.13
C LYS A 240 0.03 -34.24 -20.70
N THR A 241 -0.05 -33.01 -20.19
CA THR A 241 0.61 -31.89 -20.84
C THR A 241 2.11 -31.99 -20.70
N ALA A 242 2.80 -31.88 -21.84
CA ALA A 242 4.26 -31.93 -21.86
C ALA A 242 4.85 -30.83 -21.00
N GLY A 243 5.79 -31.21 -20.13
CA GLY A 243 6.55 -30.25 -19.37
C GLY A 243 5.84 -29.60 -18.22
N LEU A 244 4.71 -30.18 -17.77
CA LEU A 244 4.00 -29.70 -16.60
C LEU A 244 4.82 -30.02 -15.35
N ARG A 245 5.02 -29.03 -14.48
CA ARG A 245 5.78 -29.22 -13.26
C ARG A 245 5.35 -28.17 -12.25
N PRO A 246 5.62 -28.40 -10.95
CA PRO A 246 5.31 -27.35 -9.97
C PRO A 246 6.08 -26.07 -10.25
N MET A 247 5.42 -24.95 -9.95
CA MET A 247 6.06 -23.65 -10.01
C MET A 247 7.23 -23.59 -9.02
N GLU A 248 8.33 -22.97 -9.45
CA GLU A 248 9.51 -22.76 -8.63
C GLU A 248 9.79 -21.26 -8.52
N THR A 249 10.75 -20.91 -7.66
CA THR A 249 11.12 -19.50 -7.47
C THR A 249 11.51 -18.86 -8.79
N LYS A 250 12.25 -19.57 -9.63
CA LYS A 250 12.70 -18.99 -10.90
C LYS A 250 11.56 -18.64 -11.83
N ASP A 251 10.34 -19.15 -11.56
CA ASP A 251 9.19 -18.91 -12.43
C ASP A 251 8.38 -17.68 -12.03
N ILE A 252 8.69 -17.05 -10.90
CA ILE A 252 7.88 -15.92 -10.44
C ILE A 252 7.76 -14.82 -11.49
N PRO A 253 8.84 -14.36 -12.14
CA PRO A 253 8.65 -13.28 -13.14
C PRO A 253 7.76 -13.67 -14.30
N VAL A 254 7.95 -14.87 -14.88
CA VAL A 254 7.15 -15.22 -16.04
C VAL A 254 5.70 -15.49 -15.65
N VAL A 255 5.46 -16.07 -14.46
CA VAL A 255 4.08 -16.24 -14.01
C VAL A 255 3.42 -14.87 -13.86
N HIS A 256 4.16 -13.90 -13.32
CA HIS A 256 3.65 -12.53 -13.25
C HIS A 256 3.34 -11.97 -14.63
N GLN A 257 4.26 -12.16 -15.57
CA GLN A 257 4.05 -11.68 -16.93
C GLN A 257 2.82 -12.33 -17.58
N LEU A 258 2.74 -13.66 -17.50
CA LEU A 258 1.63 -14.37 -18.12
C LEU A 258 0.30 -13.92 -17.53
N LEU A 259 0.22 -13.81 -16.21
CA LEU A 259 -1.03 -13.42 -15.57
C LEU A 259 -1.43 -12.02 -15.97
N THR A 260 -0.47 -11.08 -15.92
CA THR A 260 -0.80 -9.68 -16.21
C THR A 260 -1.36 -9.53 -17.62
N ARG A 261 -0.76 -10.21 -18.60
CA ARG A 261 -1.22 -10.09 -19.97
C ARG A 261 -2.55 -10.82 -20.16
N TYR A 262 -2.71 -11.97 -19.50
CA TYR A 262 -3.94 -12.73 -19.65
C TYR A 262 -5.14 -11.99 -19.07
N LEU A 263 -4.95 -11.27 -17.97
CA LEU A 263 -6.08 -10.65 -17.30
C LEU A 263 -6.64 -9.43 -18.04
N LYS A 264 -5.91 -8.86 -19.00
CA LYS A 264 -6.37 -7.62 -19.64
C LYS A 264 -7.71 -7.79 -20.35
N GLN A 265 -8.07 -9.01 -20.72
CA GLN A 265 -9.31 -9.24 -21.46
C GLN A 265 -10.57 -9.19 -20.60
N PHE A 266 -10.45 -9.21 -19.27
CA PHE A 266 -11.61 -9.16 -18.40
C PHE A 266 -11.82 -7.75 -17.86
N HIS A 267 -12.97 -7.53 -17.22
CA HIS A 267 -13.35 -6.19 -16.78
C HIS A 267 -13.25 -5.97 -15.27
N LEU A 268 -13.06 -7.02 -14.48
CA LEU A 268 -12.80 -6.88 -13.04
C LEU A 268 -11.67 -7.83 -12.70
N THR A 269 -10.49 -7.29 -12.42
CA THR A 269 -9.28 -8.08 -12.25
C THR A 269 -8.39 -7.49 -11.16
N PRO A 270 -7.52 -8.30 -10.56
CA PRO A 270 -6.45 -7.74 -9.72
C PRO A 270 -5.30 -7.25 -10.59
N VAL A 271 -4.56 -6.29 -10.04
CA VAL A 271 -3.28 -5.86 -10.61
C VAL A 271 -2.23 -6.21 -9.57
N MET A 272 -1.52 -7.31 -9.79
CA MET A 272 -0.58 -7.85 -8.82
C MET A 272 0.83 -7.40 -9.12
N SER A 273 1.54 -6.98 -8.07
CA SER A 273 2.98 -6.81 -8.17
C SER A 273 3.65 -8.18 -8.26
N GLN A 274 4.94 -8.18 -8.57
CA GLN A 274 5.67 -9.45 -8.61
C GLN A 274 5.76 -10.08 -7.22
N GLU A 275 5.83 -9.25 -6.18
CA GLU A 275 5.80 -9.79 -4.82
C GLU A 275 4.44 -10.42 -4.50
N GLU A 276 3.35 -9.79 -4.97
CA GLU A 276 2.03 -10.40 -4.77
C GLU A 276 1.89 -11.71 -5.53
N VAL A 277 2.47 -11.78 -6.74
CA VAL A 277 2.39 -13.02 -7.50
C VAL A 277 3.13 -14.14 -6.75
N GLU A 278 4.32 -13.83 -6.21
CA GLU A 278 5.00 -14.80 -5.35
C GLU A 278 4.10 -15.27 -4.22
N HIS A 279 3.44 -14.33 -3.54
CA HIS A 279 2.64 -14.71 -2.39
C HIS A 279 1.48 -15.59 -2.80
N TRP A 280 0.76 -15.21 -3.86
CA TRP A 280 -0.49 -15.89 -4.16
C TRP A 280 -0.28 -17.20 -4.92
N PHE A 281 0.88 -17.41 -5.55
CA PHE A 281 1.04 -18.56 -6.41
C PHE A 281 2.16 -19.52 -6.00
N TYR A 282 3.17 -19.07 -5.29
CA TYR A 282 4.26 -19.97 -4.95
C TYR A 282 3.72 -21.13 -4.11
N PRO A 283 3.98 -22.39 -4.50
CA PRO A 283 3.25 -23.51 -3.88
C PRO A 283 3.52 -23.62 -2.38
N GLN A 284 2.44 -23.86 -1.63
CA GLN A 284 2.52 -24.23 -0.20
C GLN A 284 1.62 -25.42 -0.02
N GLU A 285 2.17 -26.53 0.48
CA GLU A 285 1.40 -27.76 0.58
C GLU A 285 0.14 -27.53 1.43
N ASN A 286 -0.98 -28.05 0.93
CA ASN A 286 -2.29 -27.95 1.58
C ASN A 286 -2.83 -26.53 1.66
N ILE A 287 -2.33 -25.62 0.82
CA ILE A 287 -2.83 -24.25 0.75
C ILE A 287 -3.02 -23.87 -0.71
N ILE A 288 -1.93 -23.83 -1.49
CA ILE A 288 -1.98 -23.33 -2.86
C ILE A 288 -1.06 -24.19 -3.72
N ASP A 289 -1.57 -24.64 -4.85
CA ASP A 289 -0.80 -25.41 -5.81
C ASP A 289 -0.75 -24.65 -7.12
N THR A 290 0.44 -24.54 -7.71
CA THR A 290 0.59 -23.91 -9.03
C THR A 290 1.51 -24.79 -9.85
N PHE A 291 1.07 -25.18 -11.04
CA PHE A 291 1.89 -25.95 -11.96
C PHE A 291 2.10 -25.15 -13.23
N VAL A 292 3.35 -25.06 -13.69
CA VAL A 292 3.65 -24.34 -14.92
C VAL A 292 3.92 -25.35 -16.03
N VAL A 293 3.76 -24.90 -17.27
CA VAL A 293 4.13 -25.67 -18.45
C VAL A 293 5.45 -25.10 -18.96
N GLU A 294 6.53 -25.86 -18.84
CA GLU A 294 7.84 -25.49 -19.38
C GLU A 294 8.07 -26.30 -20.65
N ASN A 295 8.17 -25.61 -21.79
CA ASN A 295 8.16 -26.29 -23.09
C ASN A 295 9.54 -26.82 -23.45
N ALA A 296 9.68 -27.31 -24.68
CA ALA A 296 10.90 -27.95 -25.15
C ALA A 296 12.05 -26.97 -25.31
N ASN A 297 11.76 -25.67 -25.30
CA ASN A 297 12.77 -24.63 -25.37
C ASN A 297 13.13 -24.08 -23.98
N GLY A 298 12.49 -24.57 -22.93
CA GLY A 298 12.72 -24.06 -21.60
C GLY A 298 11.86 -22.89 -21.20
N GLU A 299 10.87 -22.53 -22.01
CA GLU A 299 10.05 -21.37 -21.74
C GLU A 299 8.75 -21.78 -21.06
N VAL A 300 8.34 -21.00 -20.06
CA VAL A 300 7.07 -21.23 -19.39
C VAL A 300 5.98 -20.51 -20.19
N THR A 301 5.00 -21.29 -20.66
CA THR A 301 3.97 -20.79 -21.56
C THR A 301 2.55 -20.81 -20.98
N ASP A 302 2.32 -21.58 -19.91
CA ASP A 302 0.99 -21.74 -19.33
C ASP A 302 1.18 -22.01 -17.85
N PHE A 303 0.11 -21.80 -17.07
CA PHE A 303 0.09 -22.32 -15.71
C PHE A 303 -1.34 -22.52 -15.23
N LEU A 304 -1.50 -23.46 -14.30
CA LEU A 304 -2.75 -23.74 -13.62
C LEU A 304 -2.54 -23.59 -12.14
N SER A 305 -3.60 -23.24 -11.41
CA SER A 305 -3.46 -23.15 -9.96
C SER A 305 -4.81 -23.42 -9.30
N PHE A 306 -4.75 -23.95 -8.07
CA PHE A 306 -5.94 -24.20 -7.29
C PHE A 306 -5.55 -24.17 -5.81
N TYR A 307 -6.46 -23.68 -4.97
CA TYR A 307 -6.18 -23.62 -3.54
C TYR A 307 -7.00 -24.67 -2.79
N THR A 308 -6.55 -24.96 -1.57
CA THR A 308 -7.08 -26.04 -0.74
C THR A 308 -8.02 -25.46 0.31
N LEU A 309 -9.29 -25.88 0.30
CA LEU A 309 -10.27 -25.40 1.26
C LEU A 309 -11.26 -26.53 1.58
N PRO A 310 -11.03 -27.27 2.64
CA PRO A 310 -11.96 -28.33 3.01
C PRO A 310 -13.19 -27.76 3.71
N SER A 311 -14.24 -28.59 3.75
CA SER A 311 -15.44 -28.27 4.50
C SER A 311 -15.69 -29.34 5.55
N THR A 312 -16.11 -28.89 6.72
CA THR A 312 -16.63 -29.82 7.72
C THR A 312 -17.94 -30.42 7.24
N ILE A 313 -18.10 -31.72 7.44
CA ILE A 313 -19.35 -32.43 7.16
C ILE A 313 -20.08 -32.53 8.49
N MET A 314 -21.17 -31.79 8.64
CA MET A 314 -21.80 -31.69 9.95
C MET A 314 -22.60 -32.95 10.26
N ASN A 315 -22.57 -33.34 11.54
CA ASN A 315 -23.49 -34.32 12.08
C ASN A 315 -23.35 -35.68 11.39
N HIS A 316 -22.16 -36.00 10.90
CA HIS A 316 -22.02 -37.27 10.23
C HIS A 316 -21.13 -38.20 11.05
N PRO A 317 -21.59 -39.43 11.33
CA PRO A 317 -20.83 -40.29 12.24
C PRO A 317 -19.50 -40.77 11.68
N THR A 318 -19.37 -40.90 10.35
CA THR A 318 -18.18 -41.50 9.74
C THR A 318 -17.33 -40.47 9.00
N HIS A 319 -17.88 -39.81 8.00
CA HIS A 319 -17.14 -38.84 7.21
C HIS A 319 -17.22 -37.48 7.89
N LYS A 320 -16.06 -36.90 8.20
CA LYS A 320 -16.01 -35.67 8.98
C LYS A 320 -15.60 -34.45 8.17
N SER A 321 -14.93 -34.63 7.03
N SER A 321 -14.92 -34.64 7.05
CA SER A 321 -14.38 -33.52 6.28
CA SER A 321 -14.39 -33.53 6.27
C SER A 321 -14.44 -33.84 4.78
C SER A 321 -14.47 -33.85 4.78
N LEU A 322 -14.75 -32.82 4.00
CA LEU A 322 -14.80 -32.91 2.55
C LEU A 322 -13.59 -32.16 2.02
N LYS A 323 -12.69 -32.84 1.31
CA LYS A 323 -11.46 -32.21 0.84
C LYS A 323 -11.71 -31.62 -0.54
N ALA A 324 -11.70 -30.29 -0.64
CA ALA A 324 -12.07 -29.59 -1.85
C ALA A 324 -10.93 -28.74 -2.38
N ALA A 325 -10.73 -28.79 -3.70
CA ALA A 325 -9.83 -27.89 -4.40
C ALA A 325 -10.66 -26.82 -5.12
N TYR A 326 -10.15 -25.59 -5.13
CA TYR A 326 -10.85 -24.47 -5.77
C TYR A 326 -9.97 -23.90 -6.88
N SER A 327 -10.51 -23.86 -8.09
CA SER A 327 -9.81 -23.25 -9.22
C SER A 327 -9.46 -21.81 -8.89
N PHE A 328 -8.21 -21.41 -9.19
CA PHE A 328 -7.71 -20.10 -8.81
C PHE A 328 -7.53 -19.32 -10.11
N TYR A 329 -6.30 -19.17 -10.62
CA TYR A 329 -6.09 -18.52 -11.92
C TYR A 329 -5.41 -19.51 -12.86
N ASN A 330 -5.95 -19.63 -14.08
CA ASN A 330 -5.43 -20.55 -15.08
C ASN A 330 -5.16 -19.75 -16.34
N VAL A 331 -3.90 -19.70 -16.74
CA VAL A 331 -3.46 -18.88 -17.86
C VAL A 331 -2.93 -19.80 -18.95
N HIS A 332 -3.47 -19.65 -20.15
CA HIS A 332 -3.05 -20.43 -21.30
C HIS A 332 -2.60 -19.50 -22.42
N THR A 333 -1.45 -19.82 -23.03
CA THR A 333 -1.04 -19.21 -24.29
C THR A 333 -0.61 -20.21 -25.34
N GLN A 334 -0.24 -21.43 -24.95
CA GLN A 334 0.15 -22.42 -25.96
C GLN A 334 -0.54 -23.75 -25.72
N THR A 335 -0.86 -24.05 -24.48
CA THR A 335 -1.62 -25.27 -24.18
C THR A 335 -3.12 -24.94 -24.14
N PRO A 336 -3.98 -25.76 -24.74
CA PRO A 336 -5.43 -25.47 -24.67
C PRO A 336 -5.91 -25.48 -23.22
N LEU A 337 -6.77 -24.51 -22.90
CA LEU A 337 -7.34 -24.42 -21.56
C LEU A 337 -7.99 -25.73 -21.14
N LEU A 338 -8.68 -26.40 -22.07
CA LEU A 338 -9.31 -27.68 -21.76
C LEU A 338 -8.29 -28.70 -21.26
N ASP A 339 -7.13 -28.78 -21.92
CA ASP A 339 -6.08 -29.70 -21.52
C ASP A 339 -5.49 -29.30 -20.18
N LEU A 340 -5.29 -28.01 -19.97
CA LEU A 340 -4.81 -27.50 -18.69
C LEU A 340 -5.73 -27.92 -17.55
N MET A 341 -7.04 -27.75 -17.73
CA MET A 341 -7.97 -28.05 -16.65
C MET A 341 -8.13 -29.55 -16.46
N SER A 342 -8.05 -30.33 -17.53
CA SER A 342 -8.02 -31.77 -17.38
C SER A 342 -6.86 -32.20 -16.47
N ASP A 343 -5.69 -31.60 -16.67
CA ASP A 343 -4.54 -31.94 -15.83
C ASP A 343 -4.70 -31.43 -14.40
N ALA A 344 -5.38 -30.29 -14.22
CA ALA A 344 -5.66 -29.85 -12.86
C ALA A 344 -6.54 -30.86 -12.12
N LEU A 345 -7.51 -31.45 -12.82
CA LEU A 345 -8.36 -32.48 -12.21
C LEU A 345 -7.53 -33.70 -11.84
N VAL A 346 -6.66 -34.15 -12.74
CA VAL A 346 -5.81 -35.29 -12.46
C VAL A 346 -4.91 -35.01 -11.26
N LEU A 347 -4.31 -33.81 -11.22
CA LEU A 347 -3.45 -33.46 -10.10
C LEU A 347 -4.21 -33.41 -8.79
N ALA A 348 -5.41 -32.81 -8.79
CA ALA A 348 -6.21 -32.77 -7.57
C ALA A 348 -6.59 -34.18 -7.12
N LYS A 349 -6.95 -35.06 -8.05
CA LYS A 349 -7.24 -36.43 -7.67
C LYS A 349 -6.01 -37.09 -7.05
N MET A 350 -4.84 -36.90 -7.67
CA MET A 350 -3.59 -37.43 -7.13
C MET A 350 -3.33 -36.96 -5.71
N LYS A 351 -3.67 -35.70 -5.40
CA LYS A 351 -3.42 -35.11 -4.11
C LYS A 351 -4.50 -35.42 -3.08
N GLY A 352 -5.49 -36.25 -3.43
CA GLY A 352 -6.43 -36.73 -2.45
C GLY A 352 -7.71 -35.92 -2.31
N PHE A 353 -7.97 -34.97 -3.22
CA PHE A 353 -9.19 -34.17 -3.13
C PHE A 353 -10.41 -35.01 -3.50
N ASP A 354 -11.54 -34.67 -2.87
CA ASP A 354 -12.81 -35.33 -3.15
C ASP A 354 -13.59 -34.64 -4.26
N VAL A 355 -13.35 -33.35 -4.46
CA VAL A 355 -14.13 -32.56 -5.41
C VAL A 355 -13.26 -31.39 -5.86
N PHE A 356 -13.45 -30.97 -7.11
CA PHE A 356 -12.77 -29.82 -7.68
C PHE A 356 -13.83 -28.80 -8.05
N ASN A 357 -13.75 -27.60 -7.45
CA ASN A 357 -14.74 -26.55 -7.64
C ASN A 357 -14.20 -25.45 -8.54
N ALA A 358 -15.09 -24.90 -9.37
CA ALA A 358 -14.72 -23.77 -10.21
C ALA A 358 -15.95 -22.92 -10.49
N LEU A 359 -15.72 -21.61 -10.57
CA LEU A 359 -16.76 -20.65 -10.93
C LEU A 359 -16.94 -20.60 -12.44
N ASP A 360 -18.04 -19.99 -12.87
CA ASP A 360 -18.29 -19.80 -14.29
C ASP A 360 -17.70 -18.49 -14.82
N LEU A 361 -16.72 -17.90 -14.13
CA LEU A 361 -16.13 -16.65 -14.55
C LEU A 361 -14.96 -16.90 -15.51
N MET A 362 -14.30 -15.82 -15.92
CA MET A 362 -13.29 -15.84 -16.98
C MET A 362 -13.76 -16.73 -18.14
N GLU A 363 -12.91 -17.62 -18.64
CA GLU A 363 -13.28 -18.52 -19.74
C GLU A 363 -13.75 -19.88 -19.26
N ASN A 364 -14.15 -20.01 -18.00
CA ASN A 364 -14.39 -21.33 -17.44
C ASN A 364 -15.56 -22.05 -18.10
N LYS A 365 -16.54 -21.31 -18.62
CA LYS A 365 -17.66 -21.98 -19.26
C LYS A 365 -17.21 -22.81 -20.47
N THR A 366 -16.04 -22.49 -21.04
CA THR A 366 -15.60 -23.25 -22.20
C THR A 366 -15.24 -24.69 -21.85
N PHE A 367 -14.97 -25.00 -20.58
CA PHE A 367 -14.60 -26.35 -20.21
C PHE A 367 -15.49 -27.02 -19.18
N LEU A 368 -16.38 -26.28 -18.51
CA LEU A 368 -17.10 -26.85 -17.38
C LEU A 368 -17.89 -28.10 -17.77
N GLU A 369 -18.73 -27.97 -18.80
CA GLU A 369 -19.55 -29.13 -19.20
C GLU A 369 -18.70 -30.23 -19.80
N LYS A 370 -17.69 -29.87 -20.59
CA LYS A 370 -16.87 -30.87 -21.26
C LYS A 370 -16.08 -31.73 -20.27
N LEU A 371 -15.68 -31.15 -19.14
CA LEU A 371 -14.92 -31.89 -18.14
C LEU A 371 -15.82 -32.47 -17.04
N LYS A 372 -17.13 -32.53 -17.29
CA LYS A 372 -18.09 -33.24 -16.44
C LYS A 372 -18.30 -32.57 -15.08
N PHE A 373 -18.09 -31.26 -15.01
CA PHE A 373 -18.57 -30.49 -13.88
C PHE A 373 -20.09 -30.50 -13.85
N GLY A 374 -20.64 -30.47 -12.64
CA GLY A 374 -22.07 -30.29 -12.43
C GLY A 374 -22.34 -28.95 -11.77
N ILE A 375 -23.45 -28.32 -12.15
CA ILE A 375 -23.74 -26.99 -11.65
C ILE A 375 -24.13 -27.08 -10.17
N GLY A 376 -23.70 -26.08 -9.39
CA GLY A 376 -23.98 -26.07 -7.97
C GLY A 376 -25.21 -25.25 -7.63
N ASP A 377 -25.55 -25.25 -6.35
CA ASP A 377 -26.69 -24.46 -5.90
C ASP A 377 -26.22 -23.13 -5.35
N GLY A 378 -27.08 -22.13 -5.47
CA GLY A 378 -26.73 -20.79 -5.04
C GLY A 378 -25.81 -20.08 -6.01
N ASN A 379 -25.49 -18.84 -5.66
CA ASN A 379 -24.66 -17.98 -6.48
C ASN A 379 -23.56 -17.37 -5.63
N LEU A 380 -22.53 -16.89 -6.31
CA LEU A 380 -21.48 -16.07 -5.70
C LEU A 380 -21.57 -14.69 -6.33
N GLN A 381 -22.07 -13.72 -5.57
CA GLN A 381 -22.20 -12.36 -6.04
C GLN A 381 -20.91 -11.59 -5.79
N TYR A 382 -20.52 -10.78 -6.76
CA TYR A 382 -19.38 -9.86 -6.64
C TYR A 382 -19.88 -8.44 -6.43
N TYR A 383 -19.19 -7.70 -5.57
CA TYR A 383 -19.61 -6.36 -5.17
C TYR A 383 -18.44 -5.39 -5.12
N LEU A 384 -18.74 -4.14 -5.45
CA LEU A 384 -17.85 -3.02 -5.19
C LEU A 384 -18.53 -2.06 -4.22
N TYR A 385 -17.74 -1.53 -3.28
CA TYR A 385 -18.20 -0.54 -2.33
C TYR A 385 -17.72 0.84 -2.80
N ASN A 386 -18.65 1.79 -2.85
CA ASN A 386 -18.35 3.17 -3.26
C ASN A 386 -17.80 3.24 -4.68
N TRP A 387 -18.31 2.40 -5.57
CA TRP A 387 -17.96 2.48 -6.97
C TRP A 387 -19.17 2.15 -7.83
N LYS A 388 -19.54 3.10 -8.69
CA LYS A 388 -20.66 2.96 -9.61
C LYS A 388 -20.13 2.55 -10.98
N CYS A 389 -20.62 1.44 -11.52
CA CYS A 389 -20.26 1.00 -12.86
C CYS A 389 -21.31 0.01 -13.35
N PRO A 390 -21.40 -0.21 -14.67
CA PRO A 390 -22.32 -1.23 -15.18
C PRO A 390 -21.97 -2.62 -14.67
N SER A 391 -22.98 -3.46 -14.52
CA SER A 391 -22.74 -4.85 -14.20
C SER A 391 -22.13 -5.56 -15.40
N MET A 392 -21.62 -6.77 -15.16
CA MET A 392 -20.98 -7.53 -16.22
C MET A 392 -21.34 -8.99 -16.09
N GLY A 393 -21.28 -9.70 -17.22
CA GLY A 393 -21.46 -11.12 -17.21
C GLY A 393 -20.33 -11.82 -16.50
N ALA A 394 -20.60 -13.06 -16.08
CA ALA A 394 -19.60 -13.82 -15.33
C ALA A 394 -18.31 -13.98 -16.14
N GLU A 395 -18.43 -14.13 -17.46
N GLU A 395 -18.44 -14.12 -17.47
CA GLU A 395 -17.24 -14.33 -18.29
CA GLU A 395 -17.27 -14.31 -18.34
C GLU A 395 -16.32 -13.13 -18.33
C GLU A 395 -16.31 -13.14 -18.27
N LYS A 396 -16.76 -11.96 -17.84
CA LYS A 396 -15.92 -10.79 -17.76
C LYS A 396 -15.36 -10.56 -16.36
N VAL A 397 -15.76 -11.35 -15.37
CA VAL A 397 -15.16 -11.27 -14.05
C VAL A 397 -13.86 -12.06 -14.07
N GLY A 398 -12.76 -11.40 -13.67
CA GLY A 398 -11.44 -11.99 -13.71
C GLY A 398 -10.72 -11.86 -12.37
N LEU A 399 -11.47 -12.10 -11.29
CA LEU A 399 -11.01 -11.91 -9.93
C LEU A 399 -11.50 -13.08 -9.10
N VAL A 400 -10.59 -13.76 -8.39
CA VAL A 400 -10.91 -14.91 -7.55
C VAL A 400 -10.41 -14.60 -6.15
N LEU A 401 -11.30 -14.68 -5.17
CA LEU A 401 -10.97 -14.38 -3.78
C LEU A 401 -10.98 -15.66 -2.95
N GLN A 402 -10.21 -15.63 -1.86
CA GLN A 402 -10.05 -16.80 -1.00
C GLN A 402 -11.28 -17.08 -0.14
N ALA B 12 27.75 19.26 -10.78
CA ALA B 12 27.17 20.47 -11.35
C ALA B 12 26.09 21.06 -10.43
N LYS B 13 26.31 22.30 -10.01
CA LYS B 13 25.37 22.97 -9.13
C LYS B 13 24.43 23.94 -9.86
N THR B 14 24.75 24.31 -11.10
CA THR B 14 23.91 25.20 -11.88
C THR B 14 23.50 24.54 -13.19
N MET B 15 22.44 25.08 -13.78
CA MET B 15 21.94 24.57 -15.06
C MET B 15 22.91 24.89 -16.19
N GLU B 16 23.54 26.06 -16.15
CA GLU B 16 24.57 26.38 -17.13
C GLU B 16 25.72 25.39 -17.07
N GLU B 17 26.18 25.07 -15.86
CA GLU B 17 27.24 24.09 -15.69
C GLU B 17 26.79 22.71 -16.19
N ALA B 18 25.52 22.37 -15.95
CA ALA B 18 25.02 21.08 -16.40
C ALA B 18 24.78 21.02 -17.90
N SER B 19 24.80 22.16 -18.58
CA SER B 19 24.64 22.16 -20.04
C SER B 19 25.82 21.46 -20.71
N LYS B 20 27.03 21.64 -20.19
CA LYS B 20 28.22 21.04 -20.79
C LYS B 20 28.37 19.57 -20.42
N ARG B 21 27.89 19.18 -19.25
CA ARG B 21 28.09 17.82 -18.78
C ARG B 21 27.32 16.82 -19.63
N SER B 22 27.86 15.61 -19.74
CA SER B 22 27.15 14.44 -20.21
C SER B 22 26.91 13.51 -19.02
N TYR B 23 25.84 12.74 -19.08
CA TYR B 23 25.40 11.95 -17.92
C TYR B 23 25.43 10.47 -18.28
N GLN B 24 26.58 9.85 -18.01
CA GLN B 24 26.78 8.43 -18.34
C GLN B 24 25.69 7.56 -17.74
N PHE B 25 25.30 7.83 -16.49
CA PHE B 25 24.26 7.02 -15.87
C PHE B 25 22.87 7.53 -16.22
N TRP B 26 22.63 8.82 -16.05
CA TRP B 26 21.25 9.28 -16.18
C TRP B 26 20.74 9.22 -17.62
N ASP B 27 21.63 9.21 -18.62
CA ASP B 27 21.17 9.02 -20.00
C ASP B 27 20.57 7.64 -20.22
N THR B 28 20.86 6.67 -19.37
CA THR B 28 20.27 5.35 -19.51
C THR B 28 18.93 5.21 -18.81
N GLN B 29 18.48 6.26 -18.10
CA GLN B 29 17.34 6.13 -17.22
C GLN B 29 16.10 6.76 -17.84
N PRO B 30 14.90 6.36 -17.40
CA PRO B 30 13.64 6.92 -17.92
C PRO B 30 13.32 8.28 -17.32
N VAL B 31 14.13 9.26 -17.70
CA VAL B 31 13.94 10.65 -17.29
C VAL B 31 14.14 11.50 -18.54
N PRO B 32 13.54 12.68 -18.63
CA PRO B 32 13.72 13.50 -19.83
C PRO B 32 15.14 14.06 -19.93
N LYS B 33 15.52 14.41 -21.16
CA LYS B 33 16.81 15.04 -21.38
C LYS B 33 16.81 16.48 -20.91
N LEU B 34 17.93 16.93 -20.35
CA LEU B 34 18.12 18.34 -20.05
C LEU B 34 17.92 19.16 -21.31
N GLY B 35 17.36 20.36 -21.16
CA GLY B 35 17.06 21.21 -22.28
C GLY B 35 15.89 20.78 -23.13
N GLU B 36 15.41 19.54 -22.99
CA GLU B 36 14.17 19.12 -23.63
C GLU B 36 13.00 19.80 -22.95
N VAL B 37 12.19 20.53 -23.71
CA VAL B 37 11.02 21.18 -23.16
C VAL B 37 9.84 20.24 -23.27
N VAL B 38 9.18 19.97 -22.16
CA VAL B 38 8.16 18.93 -22.07
C VAL B 38 6.78 19.56 -22.07
N ASN B 39 5.90 19.04 -22.90
CA ASN B 39 4.51 19.46 -22.90
C ASN B 39 3.53 18.33 -22.68
N THR B 40 4.00 17.09 -22.55
CA THR B 40 3.15 15.93 -22.30
C THR B 40 3.11 15.62 -20.81
N HIS B 41 2.30 14.62 -20.44
CA HIS B 41 2.16 14.19 -19.04
C HIS B 41 2.01 12.67 -19.00
N GLY B 42 3.01 11.96 -18.49
CA GLY B 42 2.86 10.54 -18.31
C GLY B 42 4.17 9.79 -18.20
N PRO B 43 4.10 8.46 -18.14
CA PRO B 43 5.31 7.67 -17.93
C PRO B 43 6.23 7.73 -19.14
N VAL B 44 7.52 7.50 -18.88
CA VAL B 44 8.51 7.45 -19.96
C VAL B 44 8.54 6.06 -20.59
N GLU B 45 8.41 5.03 -19.78
CA GLU B 45 8.49 3.65 -20.23
C GLU B 45 7.35 2.87 -19.63
N PRO B 46 6.95 1.76 -20.27
CA PRO B 46 5.83 0.97 -19.72
C PRO B 46 6.18 0.29 -18.41
N ASP B 47 5.16 0.09 -17.57
CA ASP B 47 5.32 -0.74 -16.37
C ASP B 47 5.88 -2.10 -16.75
N LYS B 48 6.73 -2.63 -15.89
CA LYS B 48 7.37 -3.91 -16.14
C LYS B 48 6.52 -5.04 -15.60
N ASP B 49 6.19 -6.00 -16.46
CA ASP B 49 5.53 -7.20 -15.98
C ASP B 49 6.50 -8.34 -15.73
N ASN B 50 7.79 -7.99 -15.62
N ASN B 50 7.79 -8.12 -15.90
CA ASN B 50 8.90 -8.94 -15.57
CA ASN B 50 8.77 -9.05 -15.34
C ASN B 50 10.02 -8.18 -14.87
C ASN B 50 9.95 -8.24 -14.84
N ILE B 51 10.36 -8.53 -13.61
CA ILE B 51 11.37 -7.77 -12.88
C ILE B 51 12.53 -8.69 -12.48
N ARG B 52 13.75 -8.19 -12.69
CA ARG B 52 14.99 -8.84 -12.28
C ARG B 52 14.89 -9.34 -10.84
N GLN B 53 15.08 -10.65 -10.66
CA GLN B 53 14.94 -11.25 -9.34
C GLN B 53 16.21 -11.12 -8.50
N GLU B 54 17.36 -11.01 -9.13
CA GLU B 54 18.65 -11.01 -8.46
C GLU B 54 19.11 -9.58 -8.19
N PRO B 55 19.66 -9.32 -7.02
CA PRO B 55 20.25 -8.01 -6.75
C PRO B 55 21.36 -7.69 -7.75
N TYR B 56 21.52 -6.41 -8.03
CA TYR B 56 22.62 -5.97 -8.88
C TYR B 56 23.97 -6.26 -8.22
N THR B 57 24.97 -6.49 -9.06
CA THR B 57 26.31 -6.81 -8.60
C THR B 57 26.99 -5.59 -7.99
N LEU B 58 27.53 -5.76 -6.77
CA LEU B 58 28.38 -4.77 -6.14
C LEU B 58 29.84 -5.08 -6.46
N PRO B 59 30.72 -4.08 -6.34
CA PRO B 59 32.16 -4.35 -6.45
C PRO B 59 32.59 -5.42 -5.46
N GLN B 60 33.64 -6.14 -5.83
CA GLN B 60 34.16 -7.23 -5.00
C GLN B 60 34.42 -6.75 -3.57
N GLY B 61 33.97 -7.54 -2.60
CA GLY B 61 34.18 -7.21 -1.20
C GLY B 61 33.07 -6.43 -0.54
N PHE B 62 31.97 -6.16 -1.25
CA PHE B 62 30.83 -5.45 -0.70
C PHE B 62 29.58 -6.26 -0.93
N THR B 63 28.59 -6.07 -0.05
CA THR B 63 27.37 -6.87 -0.11
C THR B 63 26.18 -6.05 0.36
N TRP B 64 25.00 -6.42 -0.14
CA TRP B 64 23.77 -5.77 0.30
C TRP B 64 23.37 -6.25 1.69
N ASP B 65 22.73 -5.34 2.43
CA ASP B 65 22.08 -5.72 3.69
C ASP B 65 20.94 -4.77 3.96
N ALA B 66 19.73 -5.32 4.13
CA ALA B 66 18.60 -4.51 4.54
C ALA B 66 18.77 -4.13 6.01
N LEU B 67 18.55 -2.86 6.34
CA LEU B 67 18.81 -2.36 7.68
C LEU B 67 17.52 -2.34 8.49
N ASP B 68 17.46 -3.15 9.55
CA ASP B 68 16.34 -3.13 10.48
C ASP B 68 16.55 -1.98 11.45
N LEU B 69 15.85 -0.86 11.21
CA LEU B 69 16.05 0.32 12.03
C LEU B 69 15.41 0.20 13.40
N GLY B 70 14.61 -0.83 13.62
CA GLY B 70 14.16 -1.18 14.96
C GLY B 70 15.23 -1.80 15.83
N ASP B 71 16.33 -2.21 15.23
CA ASP B 71 17.52 -2.65 15.96
C ASP B 71 18.34 -1.41 16.30
N ARG B 72 18.46 -1.12 17.60
CA ARG B 72 19.14 0.10 18.03
C ARG B 72 20.57 0.17 17.49
N GLY B 73 21.30 -0.95 17.53
CA GLY B 73 22.66 -0.95 17.02
C GLY B 73 22.73 -0.65 15.53
N VAL B 74 21.83 -1.23 14.73
CA VAL B 74 21.82 -0.98 13.30
C VAL B 74 21.45 0.48 13.01
N LEU B 75 20.44 0.99 13.70
CA LEU B 75 20.10 2.41 13.54
C LEU B 75 21.30 3.29 13.88
N LYS B 76 22.07 2.92 14.91
CA LYS B 76 23.27 3.69 15.23
C LYS B 76 24.29 3.63 14.12
N GLU B 77 24.45 2.48 13.47
CA GLU B 77 25.36 2.40 12.34
C GLU B 77 24.94 3.35 11.22
N LEU B 78 23.63 3.44 10.98
CA LEU B 78 23.15 4.31 9.91
C LEU B 78 23.38 5.78 10.27
N TYR B 79 22.96 6.16 11.49
N TYR B 79 23.03 6.20 11.49
CA TYR B 79 23.24 7.50 12.04
CA TYR B 79 23.26 7.62 11.72
C TYR B 79 24.69 7.87 11.82
C TYR B 79 24.75 7.95 11.87
N THR B 80 25.60 6.96 12.18
CA THR B 80 27.03 7.24 12.11
C THR B 80 27.49 7.40 10.67
N LEU B 81 27.02 6.52 9.78
CA LEU B 81 27.32 6.65 8.36
C LEU B 81 26.91 8.03 7.85
N LEU B 82 25.65 8.42 8.13
CA LEU B 82 25.16 9.69 7.64
C LEU B 82 25.84 10.87 8.31
N ASN B 83 26.06 10.78 9.63
N ASN B 83 26.06 10.80 9.62
CA ASN B 83 26.67 11.86 10.39
CA ASN B 83 26.65 11.95 10.30
C ASN B 83 28.07 12.18 9.89
C ASN B 83 28.07 12.22 9.82
N GLU B 84 28.76 11.18 9.34
CA GLU B 84 30.13 11.35 8.90
C GLU B 84 30.28 11.48 7.40
N ASN B 85 29.26 11.09 6.61
CA ASN B 85 29.42 11.05 5.16
C ASN B 85 28.26 11.65 4.37
N TYR B 86 27.23 12.20 5.02
CA TYR B 86 26.09 12.71 4.26
C TYR B 86 26.28 14.17 3.85
N VAL B 87 25.17 14.90 3.64
CA VAL B 87 25.20 16.18 2.92
C VAL B 87 25.88 17.27 3.75
N GLU B 88 26.76 18.02 3.10
CA GLU B 88 27.41 19.20 3.66
C GLU B 88 27.02 20.43 2.85
N ASP B 89 27.21 21.61 3.46
CA ASP B 89 26.99 22.85 2.73
C ASP B 89 28.09 23.04 1.68
N ASP B 90 27.90 24.04 0.82
CA ASP B 90 28.86 24.29 -0.24
C ASP B 90 30.24 24.64 0.33
N ASP B 91 30.28 25.35 1.46
CA ASP B 91 31.54 25.77 2.06
C ASP B 91 32.20 24.69 2.89
N ASN B 92 31.57 23.51 3.02
CA ASN B 92 32.14 22.37 3.76
C ASN B 92 32.38 22.70 5.22
N MET B 93 31.49 23.50 5.82
CA MET B 93 31.60 23.90 7.20
C MET B 93 30.57 23.26 8.11
N PHE B 94 29.42 22.83 7.57
CA PHE B 94 28.35 22.24 8.37
C PHE B 94 27.84 21.00 7.67
N ARG B 95 27.66 19.92 8.42
CA ARG B 95 27.09 18.69 7.92
C ARG B 95 25.85 18.34 8.73
N PHE B 96 24.82 17.85 8.06
CA PHE B 96 23.60 17.45 8.76
C PHE B 96 23.93 16.45 9.87
N ASP B 97 23.24 16.60 10.99
CA ASP B 97 23.35 15.69 12.12
C ASP B 97 21.97 15.08 12.41
N TYR B 98 21.54 14.18 11.54
CA TYR B 98 20.26 13.50 11.76
C TYR B 98 20.36 12.62 13.01
N SER B 99 19.39 12.77 13.94
CA SER B 99 19.37 11.93 15.14
C SER B 99 18.73 10.57 14.86
N PRO B 100 18.95 9.58 15.73
CA PRO B 100 18.26 8.28 15.52
C PRO B 100 16.75 8.41 15.49
N GLU B 101 16.19 9.17 16.45
CA GLU B 101 14.75 9.35 16.50
C GLU B 101 14.25 10.08 15.26
N PHE B 102 15.01 11.04 14.75
CA PHE B 102 14.60 11.69 13.51
C PHE B 102 14.58 10.70 12.36
N LEU B 103 15.62 9.86 12.26
CA LEU B 103 15.65 8.91 11.16
C LEU B 103 14.46 7.94 11.22
N LEU B 104 14.04 7.55 12.42
CA LEU B 104 12.85 6.70 12.52
C LEU B 104 11.62 7.44 11.99
N TRP B 105 11.51 8.73 12.29
CA TRP B 105 10.40 9.52 11.77
C TRP B 105 10.44 9.59 10.25
N ALA B 106 11.62 9.84 9.69
CA ALA B 106 11.75 9.99 8.24
C ALA B 106 11.60 8.67 7.51
N LEU B 107 12.03 7.56 8.12
CA LEU B 107 12.20 6.31 7.40
C LEU B 107 11.20 5.24 7.76
N ARG B 108 10.41 5.40 8.84
CA ARG B 108 9.31 4.48 9.13
C ARG B 108 7.95 5.18 9.17
N PRO B 109 7.59 5.91 8.11
CA PRO B 109 6.21 6.38 8.00
C PRO B 109 5.28 5.24 7.64
N PRO B 110 3.97 5.46 7.66
CA PRO B 110 3.04 4.39 7.26
C PRO B 110 3.41 3.79 5.91
N GLY B 111 3.49 2.46 5.86
CA GLY B 111 3.79 1.75 4.63
C GLY B 111 5.25 1.45 4.41
N TRP B 112 6.13 1.84 5.34
CA TRP B 112 7.55 1.54 5.16
C TRP B 112 7.78 0.05 5.03
N LEU B 113 8.80 -0.31 4.25
CA LEU B 113 9.15 -1.70 4.00
C LEU B 113 10.61 -1.92 4.35
N PRO B 114 10.93 -3.05 4.95
CA PRO B 114 12.32 -3.28 5.37
C PRO B 114 13.30 -3.39 4.20
N GLN B 115 12.86 -3.95 3.07
CA GLN B 115 13.77 -4.10 1.95
C GLN B 115 14.11 -2.76 1.32
N TRP B 116 13.35 -1.71 1.63
CA TRP B 116 13.60 -0.38 1.09
C TRP B 116 14.52 0.45 1.97
N HIS B 117 15.08 -0.14 3.02
CA HIS B 117 16.17 0.46 3.79
C HIS B 117 17.44 -0.28 3.37
N CYS B 118 18.02 0.17 2.27
CA CYS B 118 18.95 -0.64 1.49
C CYS B 118 20.38 -0.23 1.80
N GLY B 119 21.07 -1.06 2.61
CA GLY B 119 22.43 -0.81 2.99
C GLY B 119 23.44 -1.59 2.17
N VAL B 120 24.69 -1.10 2.19
CA VAL B 120 25.83 -1.80 1.60
C VAL B 120 26.86 -1.97 2.71
N ARG B 121 27.35 -3.20 2.90
CA ARG B 121 28.35 -3.48 3.92
C ARG B 121 29.60 -4.08 3.31
N VAL B 122 30.73 -3.84 3.98
CA VAL B 122 31.97 -4.57 3.68
C VAL B 122 31.77 -6.02 4.04
N VAL B 123 32.18 -6.93 3.13
CA VAL B 123 31.90 -8.35 3.35
C VAL B 123 32.64 -8.87 4.58
N SER B 124 33.94 -8.56 4.70
CA SER B 124 34.74 -9.19 5.74
C SER B 124 34.45 -8.62 7.12
N SER B 125 34.22 -7.30 7.20
CA SER B 125 34.05 -6.63 8.48
C SER B 125 32.61 -6.30 8.82
N ARG B 126 31.70 -6.37 7.85
CA ARG B 126 30.30 -5.97 7.96
C ARG B 126 30.13 -4.47 8.20
N LYS B 127 31.19 -3.67 8.06
CA LYS B 127 31.08 -2.22 8.23
C LYS B 127 30.11 -1.63 7.22
N LEU B 128 29.23 -0.74 7.71
CA LEU B 128 28.26 -0.08 6.85
C LEU B 128 28.94 1.03 6.07
N VAL B 129 28.86 0.97 4.74
CA VAL B 129 29.56 1.92 3.87
C VAL B 129 28.67 2.54 2.80
N GLY B 130 27.39 2.17 2.73
CA GLY B 130 26.47 2.79 1.79
C GLY B 130 25.03 2.59 2.18
N PHE B 131 24.17 3.49 1.68
CA PHE B 131 22.75 3.46 2.01
C PHE B 131 21.95 4.17 0.92
N ILE B 132 20.72 3.72 0.74
CA ILE B 132 19.68 4.46 0.02
C ILE B 132 18.35 3.96 0.56
N SER B 133 17.33 4.82 0.50
N SER B 133 17.33 4.82 0.50
CA SER B 133 16.03 4.48 1.07
CA SER B 133 16.03 4.48 1.07
C SER B 133 14.90 4.89 0.15
C SER B 133 14.90 4.89 0.15
N ALA B 134 13.81 4.14 0.25
CA ALA B 134 12.54 4.49 -0.39
C ALA B 134 11.45 4.41 0.68
N ILE B 135 10.52 5.37 0.65
CA ILE B 135 9.30 5.29 1.44
C ILE B 135 8.13 5.51 0.48
N PRO B 136 6.98 4.88 0.72
CA PRO B 136 5.85 5.04 -0.19
C PRO B 136 5.18 6.39 0.00
N ALA B 137 4.65 6.93 -1.10
CA ALA B 137 3.90 8.17 -0.99
C ALA B 137 2.95 8.29 -2.17
N ASN B 138 1.74 8.74 -1.91
N ASN B 138 1.73 8.71 -1.88
CA ASN B 138 0.80 9.07 -2.95
CA ASN B 138 0.76 9.11 -2.90
C ASN B 138 1.00 10.52 -3.37
C ASN B 138 1.09 10.52 -3.35
N ILE B 139 1.30 10.72 -4.65
CA ILE B 139 1.78 11.99 -5.16
C ILE B 139 0.79 12.52 -6.18
N HIS B 140 0.41 13.80 -6.03
CA HIS B 140 -0.42 14.49 -7.01
C HIS B 140 0.52 15.33 -7.86
N ILE B 141 0.57 15.04 -9.16
CA ILE B 141 1.42 15.78 -10.09
C ILE B 141 0.52 16.25 -11.23
N TYR B 142 0.32 17.57 -11.30
CA TYR B 142 -0.69 18.17 -12.18
C TYR B 142 -2.03 17.46 -12.02
N ASP B 143 -2.54 16.81 -13.07
CA ASP B 143 -3.88 16.23 -13.01
C ASP B 143 -3.86 14.73 -12.71
N THR B 144 -2.75 14.20 -12.20
CA THR B 144 -2.64 12.78 -11.94
C THR B 144 -2.24 12.52 -10.49
N GLU B 145 -2.90 11.53 -9.87
N GLU B 145 -2.89 11.54 -9.86
CA GLU B 145 -2.51 11.02 -8.56
CA GLU B 145 -2.49 11.03 -8.56
C GLU B 145 -1.95 9.63 -8.75
C GLU B 145 -1.94 9.62 -8.74
N LYS B 146 -0.69 9.42 -8.33
CA LYS B 146 0.01 8.15 -8.51
C LYS B 146 0.65 7.72 -7.20
N LYS B 147 0.59 6.43 -6.92
N LYS B 147 0.60 6.42 -6.89
CA LYS B 147 1.42 5.82 -5.89
CA LYS B 147 1.39 5.89 -5.80
C LYS B 147 2.87 5.86 -6.36
C LYS B 147 2.84 5.78 -6.26
N MET B 148 3.74 6.46 -5.54
CA MET B 148 5.16 6.56 -5.89
C MET B 148 5.98 6.18 -4.66
N VAL B 149 7.30 6.28 -4.80
CA VAL B 149 8.17 6.32 -3.63
C VAL B 149 8.92 7.64 -3.60
N GLU B 150 9.35 8.01 -2.40
CA GLU B 150 10.29 9.10 -2.18
C GLU B 150 11.64 8.49 -1.86
N ILE B 151 12.68 8.93 -2.58
CA ILE B 151 14.03 8.41 -2.38
C ILE B 151 14.80 9.41 -1.53
N ASN B 152 15.52 8.90 -0.52
CA ASN B 152 16.24 9.78 0.38
C ASN B 152 17.49 9.06 0.89
N PHE B 153 18.41 9.87 1.41
CA PHE B 153 19.56 9.39 2.18
C PHE B 153 20.47 8.52 1.34
N LEU B 154 20.60 8.82 0.05
CA LEU B 154 21.66 8.20 -0.75
C LEU B 154 23.01 8.64 -0.20
N CYS B 155 23.82 7.66 0.23
CA CYS B 155 25.05 7.99 0.93
C CYS B 155 26.09 6.91 0.67
N VAL B 156 27.28 7.33 0.26
CA VAL B 156 28.42 6.44 0.06
C VAL B 156 29.55 6.94 0.95
N HIS B 157 30.18 6.01 1.67
CA HIS B 157 31.30 6.37 2.54
C HIS B 157 32.33 7.18 1.76
N LYS B 158 32.90 8.20 2.44
CA LYS B 158 33.82 9.11 1.78
C LYS B 158 35.00 8.37 1.16
N LYS B 159 35.36 7.21 1.72
CA LYS B 159 36.44 6.39 1.19
C LYS B 159 36.05 5.61 -0.05
N LEU B 160 34.76 5.36 -0.27
CA LEU B 160 34.28 4.67 -1.45
C LEU B 160 33.83 5.60 -2.56
N ARG B 161 33.96 6.91 -2.37
CA ARG B 161 33.39 7.89 -3.28
C ARG B 161 34.03 7.82 -4.66
N SER B 162 33.30 8.32 -5.65
CA SER B 162 33.74 8.43 -7.04
C SER B 162 34.14 7.08 -7.62
N LYS B 163 33.59 5.98 -7.06
CA LYS B 163 33.86 4.63 -7.52
C LYS B 163 32.63 3.96 -8.10
N ARG B 164 31.67 4.77 -8.56
CA ARG B 164 30.47 4.30 -9.27
C ARG B 164 29.59 3.41 -8.40
N VAL B 165 29.65 3.53 -7.07
CA VAL B 165 28.71 2.78 -6.23
C VAL B 165 27.31 3.40 -6.28
N ALA B 166 27.22 4.73 -6.42
CA ALA B 166 25.90 5.37 -6.40
C ALA B 166 24.98 4.85 -7.50
N PRO B 167 25.41 4.69 -8.75
CA PRO B 167 24.49 4.11 -9.75
C PRO B 167 24.00 2.73 -9.37
N VAL B 168 24.83 1.92 -8.73
CA VAL B 168 24.38 0.59 -8.32
C VAL B 168 23.30 0.72 -7.25
N LEU B 169 23.50 1.61 -6.28
CA LEU B 169 22.48 1.82 -5.27
C LEU B 169 21.17 2.28 -5.90
N ILE B 170 21.24 3.16 -6.91
CA ILE B 170 20.02 3.65 -7.53
C ILE B 170 19.31 2.54 -8.29
N ARG B 171 20.06 1.73 -9.04
N ARG B 171 20.06 1.73 -9.05
CA ARG B 171 19.43 0.65 -9.79
CA ARG B 171 19.43 0.64 -9.78
C ARG B 171 18.84 -0.40 -8.85
C ARG B 171 18.82 -0.38 -8.83
N GLU B 172 19.50 -0.66 -7.72
CA GLU B 172 19.01 -1.67 -6.79
C GLU B 172 17.73 -1.21 -6.08
N ILE B 173 17.69 0.05 -5.61
CA ILE B 173 16.44 0.50 -5.00
C ILE B 173 15.33 0.57 -6.05
N THR B 174 15.68 0.91 -7.30
CA THR B 174 14.69 0.87 -8.38
C THR B 174 14.11 -0.53 -8.55
N ARG B 175 14.99 -1.54 -8.61
CA ARG B 175 14.53 -2.92 -8.72
C ARG B 175 13.60 -3.29 -7.55
N ARG B 176 14.00 -2.94 -6.33
CA ARG B 176 13.22 -3.33 -5.16
C ARG B 176 11.88 -2.62 -5.09
N VAL B 177 11.81 -1.40 -5.63
CA VAL B 177 10.53 -0.70 -5.72
C VAL B 177 9.66 -1.32 -6.83
N HIS B 178 10.28 -1.66 -7.96
CA HIS B 178 9.55 -2.33 -9.04
C HIS B 178 8.90 -3.62 -8.57
N LEU B 179 9.58 -4.38 -7.72
CA LEU B 179 9.03 -5.64 -7.23
C LEU B 179 7.72 -5.45 -6.50
N GLU B 180 7.52 -4.26 -5.92
CA GLU B 180 6.29 -3.94 -5.21
C GLU B 180 5.27 -3.26 -6.11
N GLY B 181 5.52 -3.20 -7.42
CA GLY B 181 4.54 -2.69 -8.37
C GLY B 181 4.49 -1.19 -8.49
N ILE B 182 5.54 -0.50 -8.09
CA ILE B 182 5.60 0.95 -8.15
C ILE B 182 6.64 1.35 -9.18
N PHE B 183 6.29 2.31 -10.04
CA PHE B 183 7.13 2.60 -11.20
C PHE B 183 7.47 4.08 -11.35
N GLN B 184 7.09 4.93 -10.39
CA GLN B 184 7.50 6.31 -10.36
C GLN B 184 8.10 6.65 -9.00
N ALA B 185 8.97 7.67 -8.99
CA ALA B 185 9.55 8.15 -7.73
C ALA B 185 9.73 9.66 -7.80
N VAL B 186 9.82 10.26 -6.61
CA VAL B 186 10.17 11.66 -6.46
C VAL B 186 11.40 11.75 -5.57
N TYR B 187 12.26 12.73 -5.85
CA TYR B 187 13.47 12.93 -5.07
C TYR B 187 13.96 14.36 -5.26
N THR B 188 14.73 14.85 -4.29
CA THR B 188 15.39 16.14 -4.41
C THR B 188 16.88 15.96 -4.32
N ALA B 189 17.62 16.92 -4.87
CA ALA B 189 19.08 16.93 -4.79
C ALA B 189 19.57 18.36 -5.00
N GLY B 190 20.76 18.63 -4.44
CA GLY B 190 21.39 19.93 -4.64
C GLY B 190 22.13 20.07 -5.95
N VAL B 191 22.36 18.99 -6.66
CA VAL B 191 23.02 19.02 -7.95
C VAL B 191 21.97 18.97 -9.05
N VAL B 192 22.35 19.43 -10.23
CA VAL B 192 21.48 19.41 -11.40
C VAL B 192 21.68 18.11 -12.16
N LEU B 193 20.59 17.42 -12.44
CA LEU B 193 20.56 16.15 -13.17
C LEU B 193 19.46 16.24 -14.20
N PRO B 194 19.44 15.34 -15.20
CA PRO B 194 18.23 15.24 -16.03
C PRO B 194 17.09 14.66 -15.19
N LYS B 195 15.99 15.41 -15.04
CA LYS B 195 15.79 16.80 -15.40
C LYS B 195 14.87 17.39 -14.34
N PRO B 196 15.21 18.55 -13.78
CA PRO B 196 14.39 19.09 -12.67
C PRO B 196 12.97 19.41 -13.12
N VAL B 197 12.00 18.96 -12.30
CA VAL B 197 10.62 19.38 -12.48
C VAL B 197 10.38 20.73 -11.81
N GLY B 198 11.26 21.13 -10.89
CA GLY B 198 11.20 22.44 -10.25
C GLY B 198 12.49 22.74 -9.52
N THR B 199 12.84 24.02 -9.40
CA THR B 199 14.06 24.45 -8.73
C THR B 199 13.68 25.39 -7.59
N CYS B 200 14.08 25.03 -6.38
CA CYS B 200 13.81 25.84 -5.19
C CYS B 200 15.13 26.34 -4.63
N ARG B 201 15.03 27.32 -3.73
CA ARG B 201 16.18 27.95 -3.12
C ARG B 201 15.92 28.03 -1.63
N TYR B 202 16.92 27.67 -0.82
CA TYR B 202 16.80 27.81 0.62
C TYR B 202 17.07 29.25 1.05
N TRP B 203 16.25 29.73 1.98
CA TRP B 203 16.43 31.00 2.67
C TRP B 203 16.63 30.73 4.15
N HIS B 204 17.27 31.66 4.85
CA HIS B 204 17.62 31.51 6.25
C HIS B 204 17.19 32.73 7.04
N ARG B 205 16.67 32.49 8.25
CA ARG B 205 16.23 33.56 9.15
C ARG B 205 17.01 33.43 10.47
N SER B 206 17.90 34.38 10.74
CA SER B 206 18.69 34.32 11.97
C SER B 206 17.79 34.47 13.20
N LEU B 207 17.94 33.55 14.15
CA LEU B 207 17.30 33.64 15.45
C LEU B 207 18.27 33.97 16.57
N ASN B 208 19.48 33.42 16.50
CA ASN B 208 20.53 33.64 17.48
C ASN B 208 21.75 34.16 16.72
N PRO B 209 21.73 35.44 16.31
CA PRO B 209 22.77 35.94 15.40
C PRO B 209 24.17 35.93 16.00
N ARG B 210 24.30 36.07 17.32
CA ARG B 210 25.62 36.01 17.94
C ARG B 210 26.29 34.67 17.66
N LYS B 211 25.57 33.57 17.92
CA LYS B 211 26.14 32.25 17.67
C LYS B 211 26.37 32.00 16.18
N LEU B 212 25.46 32.44 15.33
CA LEU B 212 25.61 32.22 13.89
C LEU B 212 26.86 32.89 13.36
N ILE B 213 27.23 34.05 13.92
CA ILE B 213 28.44 34.73 13.48
C ILE B 213 29.68 34.09 14.12
N GLU B 214 29.54 33.56 15.33
CA GLU B 214 30.69 32.93 15.98
C GLU B 214 31.13 31.68 15.25
N VAL B 215 30.19 30.95 14.65
CA VAL B 215 30.50 29.69 13.98
C VAL B 215 30.63 29.94 12.47
N LYS B 216 30.57 31.21 12.08
CA LYS B 216 30.71 31.65 10.70
C LYS B 216 29.64 31.05 9.78
N PHE B 217 28.51 30.63 10.34
CA PHE B 217 27.35 30.40 9.50
C PHE B 217 26.94 31.68 8.78
N SER B 218 27.07 32.81 9.47
CA SER B 218 26.75 34.11 8.89
C SER B 218 27.90 35.07 9.17
N HIS B 219 27.93 36.15 8.41
CA HIS B 219 28.98 37.15 8.49
C HIS B 219 28.39 38.47 8.96
N LEU B 220 29.14 39.15 9.82
CA LEU B 220 28.81 40.52 10.22
C LEU B 220 29.39 41.46 9.19
N SER B 221 28.52 42.20 8.49
CA SER B 221 29.01 43.18 7.53
C SER B 221 29.82 44.25 8.26
N ARG B 222 30.81 44.81 7.55
CA ARG B 222 31.65 45.84 8.16
C ARG B 222 30.83 47.08 8.55
N ASN B 223 29.71 47.31 7.88
CA ASN B 223 28.88 48.47 8.13
C ASN B 223 27.85 48.26 9.24
N MET B 224 27.81 47.09 9.86
CA MET B 224 26.83 46.80 10.90
C MET B 224 27.52 46.32 12.18
N THR B 225 26.98 46.74 13.32
CA THR B 225 27.44 46.25 14.61
C THR B 225 26.85 44.89 14.91
N MET B 226 27.51 44.18 15.83
CA MET B 226 26.87 43.05 16.48
C MET B 226 25.62 43.53 17.20
N GLN B 227 25.74 44.62 17.97
CA GLN B 227 24.60 45.17 18.68
C GLN B 227 23.46 45.54 17.73
N ARG B 228 23.79 46.18 16.61
CA ARG B 228 22.76 46.55 15.64
C ARG B 228 22.14 45.32 15.00
N THR B 229 22.94 44.28 14.78
CA THR B 229 22.44 43.05 14.18
C THR B 229 21.46 42.34 15.11
N MET B 230 21.75 42.33 16.42
CA MET B 230 20.86 41.66 17.35
C MET B 230 19.55 42.42 17.52
N LYS B 231 19.59 43.75 17.39
CA LYS B 231 18.34 44.50 17.36
C LYS B 231 17.53 44.17 16.11
N LEU B 232 18.19 44.09 14.96
CA LEU B 232 17.48 43.83 13.71
C LEU B 232 16.70 42.53 13.75
N TYR B 233 17.29 41.47 14.31
CA TYR B 233 16.69 40.15 14.30
C TYR B 233 15.90 39.84 15.57
N ARG B 234 15.76 40.80 16.47
N ARG B 234 15.76 40.82 16.47
CA ARG B 234 15.05 40.58 17.71
CA ARG B 234 15.02 40.62 17.70
C ARG B 234 13.59 40.25 17.45
C ARG B 234 13.58 40.24 17.43
N LEU B 235 13.08 39.27 18.20
CA LEU B 235 11.70 38.82 18.07
C LEU B 235 10.97 38.98 19.40
N PRO B 236 9.64 39.15 19.36
CA PRO B 236 8.87 39.16 20.61
C PRO B 236 9.01 37.83 21.35
N GLU B 237 8.72 37.88 22.66
CA GLU B 237 8.92 36.72 23.52
C GLU B 237 7.80 35.69 23.41
N THR B 238 6.62 36.09 22.94
CA THR B 238 5.50 35.17 22.80
C THR B 238 4.80 35.43 21.48
N PRO B 239 4.21 34.40 20.87
CA PRO B 239 3.50 34.61 19.59
C PRO B 239 2.27 35.48 19.80
N LYS B 240 1.79 36.06 18.70
CA LYS B 240 0.68 37.00 18.79
C LYS B 240 -0.66 36.46 18.32
N THR B 241 -0.68 35.36 17.57
CA THR B 241 -1.95 34.87 17.02
C THR B 241 -2.83 34.28 18.11
N ALA B 242 -4.08 34.74 18.15
CA ALA B 242 -5.05 34.25 19.13
C ALA B 242 -5.28 32.76 18.97
N GLY B 243 -5.22 32.03 20.09
CA GLY B 243 -5.60 30.64 20.11
C GLY B 243 -4.56 29.67 19.61
N LEU B 244 -3.32 30.11 19.41
CA LEU B 244 -2.26 29.21 18.98
C LEU B 244 -1.90 28.25 20.11
N ARG B 245 -1.76 26.98 19.79
CA ARG B 245 -1.41 25.96 20.77
C ARG B 245 -0.81 24.77 20.03
N PRO B 246 -0.06 23.90 20.72
CA PRO B 246 0.45 22.70 20.06
C PRO B 246 -0.67 21.83 19.54
N MET B 247 -0.41 21.16 18.42
CA MET B 247 -1.31 20.13 17.90
C MET B 247 -1.47 19.00 18.92
N GLU B 248 -2.71 18.52 19.07
CA GLU B 248 -3.03 17.36 19.89
C GLU B 248 -3.70 16.28 19.05
N THR B 249 -3.90 15.10 19.67
CA THR B 249 -4.52 13.99 18.96
C THR B 249 -5.86 14.37 18.37
N LYS B 250 -6.67 15.13 19.12
CA LYS B 250 -7.99 15.49 18.63
C LYS B 250 -7.96 16.37 17.39
N ASP B 251 -6.80 16.96 17.07
CA ASP B 251 -6.66 17.81 15.89
C ASP B 251 -6.28 17.05 14.63
N ILE B 252 -5.99 15.75 14.71
CA ILE B 252 -5.54 15.03 13.52
C ILE B 252 -6.54 15.13 12.38
N PRO B 253 -7.85 14.93 12.57
CA PRO B 253 -8.75 15.01 11.41
C PRO B 253 -8.79 16.39 10.78
N VAL B 254 -8.91 17.46 11.58
CA VAL B 254 -9.01 18.79 10.98
C VAL B 254 -7.69 19.21 10.34
N VAL B 255 -6.55 18.84 10.91
CA VAL B 255 -5.28 19.13 10.26
C VAL B 255 -5.22 18.43 8.91
N HIS B 256 -5.67 17.17 8.85
CA HIS B 256 -5.75 16.44 7.59
C HIS B 256 -6.63 17.18 6.60
N GLN B 257 -7.80 17.64 7.05
CA GLN B 257 -8.73 18.33 6.18
C GLN B 257 -8.15 19.64 5.66
N LEU B 258 -7.59 20.44 6.58
CA LEU B 258 -6.98 21.71 6.21
C LEU B 258 -5.86 21.52 5.18
N LEU B 259 -5.00 20.53 5.41
CA LEU B 259 -3.86 20.32 4.53
C LEU B 259 -4.32 19.88 3.13
N THR B 260 -5.24 18.93 3.08
CA THR B 260 -5.71 18.43 1.79
C THR B 260 -6.29 19.55 0.93
N ARG B 261 -7.13 20.39 1.54
N ARG B 261 -7.11 20.41 1.54
CA ARG B 261 -7.74 21.49 0.78
CA ARG B 261 -7.73 21.48 0.77
C ARG B 261 -6.67 22.50 0.35
C ARG B 261 -6.72 22.54 0.38
N TYR B 262 -5.73 22.80 1.24
CA TYR B 262 -4.75 23.85 0.96
C TYR B 262 -3.80 23.44 -0.17
N LEU B 263 -3.47 22.15 -0.25
CA LEU B 263 -2.50 21.69 -1.23
C LEU B 263 -3.05 21.66 -2.66
N LYS B 264 -4.37 21.73 -2.83
CA LYS B 264 -4.93 21.60 -4.17
C LYS B 264 -4.47 22.72 -5.11
N GLN B 265 -4.05 23.86 -4.57
CA GLN B 265 -3.61 24.97 -5.40
C GLN B 265 -2.22 24.78 -6.01
N PHE B 266 -1.45 23.80 -5.58
CA PHE B 266 -0.12 23.55 -6.12
C PHE B 266 -0.16 22.39 -7.12
N HIS B 267 0.95 22.19 -7.84
CA HIS B 267 1.01 21.21 -8.92
C HIS B 267 1.82 19.96 -8.59
N LEU B 268 2.59 19.95 -7.51
CA LEU B 268 3.30 18.77 -7.05
C LEU B 268 3.13 18.72 -5.54
N THR B 269 2.34 17.75 -5.04
CA THR B 269 1.98 17.72 -3.63
C THR B 269 1.88 16.28 -3.17
N PRO B 270 1.99 16.02 -1.88
CA PRO B 270 1.61 14.71 -1.35
C PRO B 270 0.10 14.63 -1.15
N VAL B 271 -0.41 13.41 -1.18
CA VAL B 271 -1.78 13.11 -0.82
C VAL B 271 -1.70 12.19 0.38
N MET B 272 -1.97 12.73 1.56
CA MET B 272 -1.76 12.00 2.81
C MET B 272 -3.06 11.43 3.33
N SER B 273 -2.99 10.18 3.80
CA SER B 273 -4.08 9.63 4.59
C SER B 273 -4.10 10.28 5.97
N GLN B 274 -5.16 10.02 6.72
CA GLN B 274 -5.21 10.56 8.08
C GLN B 274 -4.11 9.96 8.94
N GLU B 275 -3.76 8.69 8.72
CA GLU B 275 -2.66 8.07 9.46
C GLU B 275 -1.33 8.72 9.10
N GLU B 276 -1.14 9.07 7.82
CA GLU B 276 0.08 9.76 7.42
C GLU B 276 0.15 11.15 8.03
N VAL B 277 -0.99 11.85 8.10
CA VAL B 277 -1.00 13.16 8.74
C VAL B 277 -0.57 13.04 10.21
N GLU B 278 -1.09 12.03 10.91
CA GLU B 278 -0.65 11.80 12.28
C GLU B 278 0.87 11.60 12.34
N HIS B 279 1.41 10.76 11.45
CA HIS B 279 2.84 10.50 11.51
C HIS B 279 3.65 11.77 11.25
N TRP B 280 3.31 12.50 10.20
CA TRP B 280 4.16 13.61 9.79
C TRP B 280 4.00 14.85 10.66
N PHE B 281 2.86 15.02 11.37
CA PHE B 281 2.61 16.28 12.05
C PHE B 281 2.48 16.19 13.56
N TYR B 282 2.09 15.04 14.11
CA TYR B 282 1.91 14.96 15.55
C TYR B 282 3.22 15.28 16.25
N PRO B 283 3.24 16.23 17.19
CA PRO B 283 4.53 16.73 17.67
C PRO B 283 5.36 15.67 18.37
N GLN B 284 6.66 15.68 18.06
CA GLN B 284 7.66 14.88 18.73
C GLN B 284 8.82 15.80 19.06
N GLU B 285 9.13 15.94 20.35
CA GLU B 285 10.16 16.89 20.76
C GLU B 285 11.47 16.58 20.04
N ASN B 286 12.11 17.63 19.54
CA ASN B 286 13.39 17.58 18.83
C ASN B 286 13.28 16.91 17.47
N ILE B 287 12.06 16.73 16.94
CA ILE B 287 11.88 16.14 15.62
C ILE B 287 10.90 16.98 14.81
N ILE B 288 9.66 17.10 15.26
CA ILE B 288 8.62 17.80 14.52
C ILE B 288 7.75 18.57 15.49
N ASP B 289 7.50 19.84 15.17
CA ASP B 289 6.62 20.72 15.92
C ASP B 289 5.48 21.16 15.02
N THR B 290 4.26 21.12 15.53
CA THR B 290 3.07 21.58 14.83
C THR B 290 2.22 22.35 15.82
N PHE B 291 1.85 23.57 15.47
CA PHE B 291 0.96 24.39 16.28
C PHE B 291 -0.28 24.72 15.45
N VAL B 292 -1.44 24.63 16.09
CA VAL B 292 -2.71 24.92 15.43
C VAL B 292 -3.29 26.19 16.00
N VAL B 293 -4.13 26.85 15.21
CA VAL B 293 -4.89 28.02 15.65
C VAL B 293 -6.31 27.55 15.94
N GLU B 294 -6.70 27.54 17.20
CA GLU B 294 -8.07 27.24 17.60
C GLU B 294 -8.75 28.55 17.99
N ASN B 295 -9.78 28.93 17.24
CA ASN B 295 -10.33 30.27 17.39
C ASN B 295 -11.37 30.33 18.53
N ALA B 296 -12.05 31.47 18.62
CA ALA B 296 -12.98 31.76 19.71
C ALA B 296 -14.20 30.86 19.69
N ASN B 297 -14.45 30.20 18.57
CA ASN B 297 -15.57 29.27 18.42
C ASN B 297 -15.13 27.83 18.68
N GLY B 298 -13.84 27.61 18.90
CA GLY B 298 -13.30 26.27 19.06
C GLY B 298 -12.91 25.59 17.78
N GLU B 299 -12.91 26.31 16.65
CA GLU B 299 -12.60 25.75 15.34
C GLU B 299 -11.11 25.91 15.06
N VAL B 300 -10.47 24.85 14.58
CA VAL B 300 -9.09 24.94 14.13
C VAL B 300 -9.07 25.44 12.68
N THR B 301 -8.44 26.60 12.48
CA THR B 301 -8.49 27.30 11.20
C THR B 301 -7.15 27.37 10.48
N ASP B 302 -6.03 27.15 11.17
CA ASP B 302 -4.70 27.30 10.61
C ASP B 302 -3.76 26.38 11.35
N PHE B 303 -2.62 26.09 10.72
CA PHE B 303 -1.53 25.46 11.46
C PHE B 303 -0.20 25.77 10.81
N LEU B 304 0.84 25.72 11.63
CA LEU B 304 2.23 25.89 11.20
C LEU B 304 3.01 24.69 11.71
N SER B 305 4.07 24.33 10.97
CA SER B 305 4.90 23.23 11.41
C SER B 305 6.33 23.41 10.93
N PHE B 306 7.26 22.87 11.70
CA PHE B 306 8.66 22.89 11.32
C PHE B 306 9.36 21.70 11.97
N TYR B 307 10.33 21.12 11.26
CA TYR B 307 11.08 20.00 11.79
C TYR B 307 12.46 20.43 12.23
N THR B 308 13.07 19.59 13.08
CA THR B 308 14.35 19.87 13.72
C THR B 308 15.45 19.10 13.02
N LEU B 309 16.47 19.80 12.53
CA LEU B 309 17.60 19.15 11.87
C LEU B 309 18.86 19.95 12.14
N PRO B 310 19.60 19.61 13.18
CA PRO B 310 20.83 20.36 13.50
C PRO B 310 21.96 19.97 12.56
N SER B 311 23.01 20.77 12.60
CA SER B 311 24.19 20.51 11.79
C SER B 311 25.43 20.50 12.66
N THR B 312 26.31 19.54 12.38
CA THR B 312 27.61 19.48 13.03
C THR B 312 28.46 20.63 12.54
N ILE B 313 29.11 21.33 13.46
CA ILE B 313 30.07 22.37 13.09
C ILE B 313 31.39 21.68 12.80
N MET B 314 31.69 21.48 11.50
CA MET B 314 32.77 20.59 11.09
C MET B 314 34.12 21.06 11.61
N ASN B 315 34.30 22.36 11.82
CA ASN B 315 35.56 22.90 12.32
C ASN B 315 35.37 23.53 13.70
N LYS B 320 28.93 22.97 20.57
CA LYS B 320 27.50 22.82 20.43
C LYS B 320 27.10 22.82 18.96
N SER B 321 26.29 21.84 18.57
CA SER B 321 25.81 21.76 17.20
C SER B 321 24.97 22.99 16.87
N LEU B 322 24.90 23.31 15.58
CA LEU B 322 24.03 24.36 15.09
C LEU B 322 22.60 23.84 15.06
N LYS B 323 21.69 24.45 15.83
CA LYS B 323 20.31 23.97 15.93
C LYS B 323 19.43 24.71 14.92
N ALA B 324 18.97 24.00 13.89
CA ALA B 324 18.20 24.58 12.79
C ALA B 324 16.79 24.02 12.76
N ALA B 325 15.81 24.89 12.52
CA ALA B 325 14.44 24.51 12.26
C ALA B 325 14.15 24.66 10.77
N TYR B 326 13.39 23.72 10.20
CA TYR B 326 13.05 23.75 8.79
C TYR B 326 11.55 23.86 8.62
N SER B 327 11.11 24.89 7.91
CA SER B 327 9.69 25.06 7.58
C SER B 327 9.17 23.80 6.89
N PHE B 328 7.98 23.33 7.33
CA PHE B 328 7.42 22.08 6.83
C PHE B 328 6.18 22.43 6.03
N TYR B 329 4.98 22.26 6.56
CA TYR B 329 3.76 22.70 5.89
C TYR B 329 3.04 23.72 6.75
N ASN B 330 2.64 24.83 6.14
CA ASN B 330 1.97 25.92 6.82
C ASN B 330 0.68 26.24 6.07
N VAL B 331 -0.45 26.05 6.73
CA VAL B 331 -1.76 26.17 6.13
C VAL B 331 -2.51 27.29 6.82
N HIS B 332 -3.00 28.23 6.03
CA HIS B 332 -3.74 29.37 6.54
C HIS B 332 -5.09 29.43 5.86
N THR B 333 -6.17 29.60 6.66
CA THR B 333 -7.47 29.95 6.12
C THR B 333 -8.09 31.17 6.79
N GLN B 334 -7.66 31.52 8.01
CA GLN B 334 -8.21 32.69 8.69
C GLN B 334 -7.10 33.61 9.18
N THR B 335 -5.97 33.04 9.58
CA THR B 335 -4.84 33.85 10.01
C THR B 335 -3.97 34.20 8.81
N PRO B 336 -3.51 35.44 8.64
CA PRO B 336 -2.62 35.74 7.52
C PRO B 336 -1.36 34.90 7.60
N LEU B 337 -0.92 34.38 6.46
CA LEU B 337 0.30 33.58 6.41
C LEU B 337 1.48 34.34 7.01
N LEU B 338 1.56 35.65 6.75
CA LEU B 338 2.63 36.46 7.31
C LEU B 338 2.64 36.38 8.84
N ASP B 339 1.46 36.44 9.46
CA ASP B 339 1.37 36.37 10.92
C ASP B 339 1.69 34.98 11.43
N LEU B 340 1.26 33.96 10.69
CA LEU B 340 1.54 32.58 11.07
C LEU B 340 3.04 32.32 11.10
N MET B 341 3.75 32.80 10.08
CA MET B 341 5.19 32.56 10.00
C MET B 341 5.95 33.41 11.00
N SER B 342 5.47 34.62 11.30
CA SER B 342 6.08 35.38 12.37
C SER B 342 6.03 34.62 13.69
N ASP B 343 4.88 33.99 13.97
CA ASP B 343 4.75 33.21 15.18
C ASP B 343 5.59 31.93 15.13
N ALA B 344 5.77 31.35 13.94
CA ALA B 344 6.70 30.23 13.81
C ALA B 344 8.12 30.64 14.21
N LEU B 345 8.56 31.83 13.79
CA LEU B 345 9.87 32.32 14.17
C LEU B 345 9.96 32.50 15.68
N VAL B 346 8.93 33.10 16.28
CA VAL B 346 8.91 33.31 17.72
C VAL B 346 9.00 31.98 18.46
N LEU B 347 8.21 31.00 18.02
CA LEU B 347 8.21 29.68 18.67
C LEU B 347 9.56 28.99 18.52
N ALA B 348 10.17 29.06 17.35
CA ALA B 348 11.48 28.45 17.16
C ALA B 348 12.53 29.12 18.05
N LYS B 349 12.50 30.46 18.13
CA LYS B 349 13.41 31.16 19.04
C LYS B 349 13.21 30.69 20.47
N MET B 350 11.94 30.58 20.90
CA MET B 350 11.65 30.12 22.25
C MET B 350 12.22 28.74 22.52
N LYS B 351 12.16 27.84 21.53
CA LYS B 351 12.63 26.48 21.70
C LYS B 351 14.13 26.33 21.53
N GLY B 352 14.86 27.43 21.37
CA GLY B 352 16.30 27.40 21.36
C GLY B 352 16.94 27.15 20.02
N PHE B 353 16.23 27.36 18.92
CA PHE B 353 16.82 27.23 17.60
C PHE B 353 17.69 28.44 17.29
N ASP B 354 18.75 28.20 16.53
CA ASP B 354 19.66 29.26 16.12
C ASP B 354 19.26 29.90 14.79
N VAL B 355 18.66 29.12 13.90
CA VAL B 355 18.28 29.59 12.57
C VAL B 355 16.99 28.87 12.17
N PHE B 356 16.17 29.56 11.38
CA PHE B 356 14.92 29.04 10.82
C PHE B 356 15.05 29.04 9.31
N ASN B 357 14.95 27.86 8.71
CA ASN B 357 15.16 27.69 7.27
C ASN B 357 13.83 27.46 6.56
N ALA B 358 13.71 28.04 5.36
CA ALA B 358 12.52 27.82 4.53
C ALA B 358 12.92 27.90 3.06
N LEU B 359 12.24 27.10 2.24
CA LEU B 359 12.37 27.15 0.80
C LEU B 359 11.46 28.23 0.22
N ASP B 360 11.68 28.55 -1.05
CA ASP B 360 10.84 29.54 -1.73
C ASP B 360 9.65 28.91 -2.44
N LEU B 361 9.24 27.69 -2.05
CA LEU B 361 8.12 27.02 -2.68
C LEU B 361 6.80 27.45 -2.01
N MET B 362 5.70 26.86 -2.47
CA MET B 362 4.33 27.20 -2.04
C MET B 362 4.18 28.72 -2.07
N GLU B 363 3.64 29.36 -1.02
CA GLU B 363 3.50 30.81 -0.99
C GLU B 363 4.61 31.50 -0.20
N ASN B 364 5.75 30.83 -0.03
CA ASN B 364 6.76 31.33 0.91
C ASN B 364 7.38 32.64 0.45
N LYS B 365 7.49 32.86 -0.86
CA LYS B 365 8.01 34.15 -1.32
C LYS B 365 7.18 35.32 -0.82
N THR B 366 5.94 35.10 -0.40
CA THR B 366 5.16 36.22 0.08
C THR B 366 5.64 36.73 1.44
N PHE B 367 6.38 35.93 2.19
CA PHE B 367 6.83 36.36 3.50
C PHE B 367 8.34 36.35 3.71
N LEU B 368 9.13 35.73 2.83
CA LEU B 368 10.56 35.55 3.11
C LEU B 368 11.26 36.89 3.36
N GLU B 369 11.17 37.84 2.43
CA GLU B 369 11.89 39.09 2.61
C GLU B 369 11.31 39.91 3.76
N LYS B 370 10.00 39.90 3.93
CA LYS B 370 9.36 40.70 4.98
C LYS B 370 9.80 40.26 6.37
N LEU B 371 9.98 38.96 6.58
CA LEU B 371 10.38 38.43 7.87
C LEU B 371 11.89 38.32 8.01
N LYS B 372 12.63 39.01 7.13
CA LYS B 372 14.08 39.18 7.26
C LYS B 372 14.84 37.86 7.05
N PHE B 373 14.29 36.96 6.23
CA PHE B 373 15.09 35.85 5.71
C PHE B 373 16.13 36.39 4.74
N GLY B 374 17.27 35.72 4.69
CA GLY B 374 18.31 35.99 3.69
C GLY B 374 18.46 34.80 2.77
N ILE B 375 18.69 35.06 1.48
CA ILE B 375 18.76 33.97 0.52
C ILE B 375 20.03 33.18 0.75
N GLY B 376 19.93 31.86 0.63
CA GLY B 376 21.08 31.00 0.78
C GLY B 376 21.78 30.77 -0.56
N ASP B 377 22.85 30.01 -0.50
CA ASP B 377 23.54 29.61 -1.72
C ASP B 377 23.09 28.22 -2.13
N GLY B 378 23.16 27.95 -3.42
CA GLY B 378 22.80 26.65 -3.94
C GLY B 378 21.30 26.42 -3.97
N ASN B 379 20.90 25.47 -4.81
CA ASN B 379 19.50 25.21 -5.07
C ASN B 379 19.09 23.86 -4.53
N LEU B 380 17.78 23.67 -4.45
CA LEU B 380 17.20 22.35 -4.19
C LEU B 380 16.36 21.98 -5.40
N GLN B 381 16.87 21.05 -6.21
N GLN B 381 16.84 20.98 -6.16
CA GLN B 381 16.14 20.60 -7.38
CA GLN B 381 16.19 20.54 -7.38
C GLN B 381 15.18 19.47 -7.00
C GLN B 381 15.22 19.39 -7.09
N TYR B 382 13.98 19.51 -7.58
CA TYR B 382 13.00 18.44 -7.47
C TYR B 382 12.96 17.64 -8.76
N TYR B 383 12.83 16.31 -8.64
CA TYR B 383 12.83 15.39 -9.77
C TYR B 383 11.74 14.35 -9.64
N LEU B 384 11.24 13.91 -10.80
CA LEU B 384 10.41 12.72 -10.91
C LEU B 384 11.14 11.68 -11.76
N TYR B 385 11.03 10.42 -11.34
CA TYR B 385 11.57 9.29 -12.09
C TYR B 385 10.46 8.61 -12.86
N ASN B 386 10.68 8.43 -14.17
CA ASN B 386 9.70 7.79 -15.08
C ASN B 386 8.37 8.54 -15.11
N TRP B 387 8.43 9.87 -15.06
CA TRP B 387 7.23 10.68 -15.27
C TRP B 387 7.66 11.95 -15.97
N LYS B 388 7.26 12.08 -17.22
CA LYS B 388 7.63 13.22 -18.06
C LYS B 388 6.48 14.21 -18.02
N CYS B 389 6.74 15.41 -17.53
CA CYS B 389 5.72 16.45 -17.42
C CYS B 389 6.40 17.80 -17.51
N PRO B 390 5.64 18.87 -17.75
CA PRO B 390 6.25 20.21 -17.78
C PRO B 390 6.85 20.57 -16.42
N SER B 391 7.91 21.37 -16.47
CA SER B 391 8.48 21.88 -15.24
C SER B 391 7.56 22.97 -14.68
N MET B 392 7.76 23.33 -13.41
CA MET B 392 6.91 24.33 -12.77
C MET B 392 7.78 25.29 -11.96
N GLY B 393 7.23 26.48 -11.69
CA GLY B 393 7.89 27.41 -10.82
C GLY B 393 7.87 26.94 -9.38
N ALA B 394 8.82 27.48 -8.59
CA ALA B 394 8.91 27.10 -7.19
C ALA B 394 7.60 27.28 -6.45
N GLU B 395 6.84 28.32 -6.78
CA GLU B 395 5.61 28.59 -6.06
C GLU B 395 4.50 27.59 -6.35
N LYS B 396 4.69 26.71 -7.33
CA LYS B 396 3.75 25.62 -7.60
C LYS B 396 4.20 24.29 -6.99
N VAL B 397 5.40 24.24 -6.44
CA VAL B 397 5.86 23.04 -5.72
C VAL B 397 5.25 23.07 -4.32
N GLY B 398 4.54 21.99 -3.96
CA GLY B 398 3.86 21.90 -2.67
C GLY B 398 4.23 20.62 -1.92
N LEU B 399 5.51 20.28 -1.97
CA LEU B 399 6.02 19.02 -1.43
C LEU B 399 7.33 19.32 -0.72
N VAL B 400 7.42 18.94 0.55
CA VAL B 400 8.60 19.17 1.39
C VAL B 400 9.10 17.82 1.88
N LEU B 401 10.35 17.50 1.57
CA LEU B 401 10.93 16.21 1.94
C LEU B 401 11.96 16.39 3.06
N GLN B 402 12.09 15.36 3.90
CA GLN B 402 12.95 15.42 5.10
C GLN B 402 14.44 15.41 4.78
N GLY C 1 -15.93 -13.04 0.04
N GLY C 1 -16.76 -12.53 1.98
CA GLY C 1 -16.47 -13.73 1.21
CA GLY C 1 -16.44 -13.94 1.94
C GLY C 1 -17.38 -14.81 0.70
C GLY C 1 -17.12 -14.77 0.86
N LYS C 2 -16.88 -16.03 0.76
N LYS C 2 -16.97 -16.07 0.96
CA LYS C 2 -17.33 -17.05 -0.16
CA LYS C 2 -17.38 -16.98 -0.09
C LYS C 2 -18.74 -17.53 0.15
C LYS C 2 -18.80 -17.48 0.13
N GLN C 3 -19.27 -18.31 -0.80
CA GLN C 3 -20.56 -18.98 -0.67
C GLN C 3 -20.30 -20.48 -0.73
N ASN C 4 -20.83 -21.20 0.25
CA ASN C 4 -20.66 -22.65 0.32
C ASN C 4 -21.66 -23.33 -0.61
N SER C 5 -21.17 -23.88 -1.71
CA SER C 5 -22.01 -24.50 -2.71
C SER C 5 -21.84 -26.02 -2.67
N LYS C 6 -22.93 -26.71 -3.02
CA LYS C 6 -22.90 -28.15 -3.29
C LYS C 6 -23.67 -28.39 -4.58
N LEU C 7 -23.72 -29.64 -5.01
CA LEU C 7 -24.28 -29.95 -6.33
C LEU C 7 -25.80 -29.76 -6.33
N ARG C 8 -26.28 -28.99 -7.30
CA ARG C 8 -27.71 -28.76 -7.48
C ARG C 8 -28.40 -30.08 -7.83
#